data_3KV6
#
_entry.id   3KV6
#
_cell.length_a   63.400
_cell.length_b   125.200
_cell.length_c   206.000
_cell.angle_alpha   90.00
_cell.angle_beta   90.00
_cell.angle_gamma   90.00
#
_symmetry.space_group_name_H-M   'P 21 21 21'
#
loop_
_entity.id
_entity.type
_entity.pdbx_description
1 polymer 'JmjC domain-containing histone demethylation protein 1D'
2 non-polymer 'ZINC ION'
3 non-polymer 'FE (II) ION'
4 non-polymer 'OXYGEN MOLECULE'
5 non-polymer '2-OXOGLUTARIC ACID'
6 water water
#
_entity_poly.entity_id   1
_entity_poly.type   'polypeptide(L)'
_entity_poly.pdbx_seq_one_letter_code
;MAGAAAAVAAGAAAGAAAAAVSVAAPGRASAPPPPPPVYCVCRQPYDVNRFMIECDICKDWFHGSCVGVEEHHAVDIDLY
HCPNCAVLHGSSLMKKRRNWHRHDYTEIDDGSKPVQAGTRTFIKELRSRVFPSADEIIIKMHGSQLTQRYLEKHGFDVPI
MVPKLDDLGLRLPSPTFSVMDVERYVGGDKVIDVIDVARQADSKMTLHNYVKYFMNPNRPKVLNVISLEFSDTKMSELVE
VPDIAKKLSWVENYWPDDSVFPKPFVQKYCLMGVQDSYTDFHIDFGGTSVWYHVLWGEKIFYLIKPTDENLARYESWSSS
VTQSEVFFGDKVDKCYKCVVKQGHTLFVPTGWIHAVLTSQDCMAFGGNFLHNLNIGMQLRCYEMEKRLKTPDLFKFPFFE
AICWFVAKNLLETLKELREDGFQPQTYLVQGVKALHTALKLWMKKELVSEHAFEIPDNVRPGHLIKELSKVIRAIEEENG
KPVKSQGI
;
_entity_poly.pdbx_strand_id   A,D
#
loop_
_chem_comp.id
_chem_comp.type
_chem_comp.name
_chem_comp.formula
AKG non-polymer '2-OXOGLUTARIC ACID' 'C5 H6 O5'
FE2 non-polymer 'FE (II) ION' 'Fe 2'
OXY non-polymer 'OXYGEN MOLECULE' O2
ZN non-polymer 'ZINC ION' 'Zn 2'
#
# COMPACT_ATOMS: atom_id res chain seq x y z
N PRO A 33 -3.10 -44.83 70.97
CA PRO A 33 -2.52 -43.51 70.58
C PRO A 33 -1.76 -43.56 69.23
N PRO A 34 -2.51 -43.79 68.13
CA PRO A 34 -1.95 -43.87 66.77
C PRO A 34 -1.23 -42.58 66.37
N PRO A 35 -0.01 -42.70 65.79
CA PRO A 35 0.80 -41.55 65.35
C PRO A 35 0.22 -40.80 64.16
N PRO A 36 0.24 -39.45 64.21
CA PRO A 36 -0.31 -38.65 63.12
C PRO A 36 0.31 -39.06 61.80
N PRO A 37 -0.54 -39.23 60.77
CA PRO A 37 -0.08 -39.64 59.44
C PRO A 37 0.77 -38.59 58.72
N VAL A 38 2.04 -38.90 58.51
CA VAL A 38 2.94 -38.00 57.81
C VAL A 38 3.57 -38.81 56.68
N TYR A 39 4.19 -38.13 55.71
CA TYR A 39 4.80 -38.83 54.59
C TYR A 39 6.14 -38.24 54.19
N CYS A 40 6.78 -38.85 53.21
CA CYS A 40 8.06 -38.37 52.69
C CYS A 40 9.16 -38.24 53.74
N VAL A 41 10.41 -38.14 53.32
CA VAL A 41 11.52 -38.01 54.26
C VAL A 41 11.35 -36.82 55.17
N CYS A 42 10.54 -35.85 54.75
CA CYS A 42 10.31 -34.65 55.57
C CYS A 42 9.25 -34.86 56.64
N ARG A 43 8.76 -36.09 56.76
CA ARG A 43 7.74 -36.46 57.75
C ARG A 43 6.71 -35.35 57.89
N GLN A 44 6.08 -34.98 56.78
CA GLN A 44 5.10 -33.92 56.76
C GLN A 44 3.69 -34.49 56.48
N PRO A 45 2.64 -33.81 56.95
CA PRO A 45 1.31 -34.36 56.67
C PRO A 45 0.97 -34.16 55.20
N TYR A 46 0.10 -35.01 54.67
CA TYR A 46 -0.26 -34.93 53.26
C TYR A 46 -0.84 -33.59 52.83
N ASP A 47 -0.34 -33.10 51.70
CA ASP A 47 -0.77 -31.84 51.09
C ASP A 47 -1.15 -32.27 49.68
N VAL A 48 -2.44 -32.18 49.37
CA VAL A 48 -2.95 -32.60 48.07
C VAL A 48 -2.52 -31.69 46.92
N ASN A 49 -1.98 -30.53 47.26
CA ASN A 49 -1.56 -29.58 46.24
C ASN A 49 -0.10 -29.74 45.83
N ARG A 50 0.53 -30.82 46.29
CA ARG A 50 1.93 -31.05 45.94
C ARG A 50 2.17 -32.39 45.26
N PHE A 51 3.00 -32.36 44.22
CA PHE A 51 3.34 -33.55 43.45
C PHE A 51 4.15 -34.56 44.26
N MET A 52 3.68 -35.79 44.29
CA MET A 52 4.36 -36.84 45.02
C MET A 52 4.45 -38.09 44.17
N ILE A 53 5.40 -38.96 44.51
CA ILE A 53 5.59 -40.21 43.77
C ILE A 53 5.69 -41.38 44.76
N GLU A 54 5.18 -42.55 44.39
CA GLU A 54 5.23 -43.68 45.31
C GLU A 54 6.44 -44.55 45.12
N CYS A 55 7.08 -44.92 46.22
CA CYS A 55 8.25 -45.78 46.17
C CYS A 55 7.71 -47.21 46.16
N ASP A 56 8.07 -47.97 45.13
CA ASP A 56 7.60 -49.35 45.01
C ASP A 56 8.11 -50.29 46.09
N ILE A 57 9.16 -49.87 46.81
CA ILE A 57 9.71 -50.70 47.87
C ILE A 57 9.03 -50.49 49.23
N CYS A 58 9.08 -49.28 49.76
CA CYS A 58 8.49 -48.99 51.06
C CYS A 58 7.03 -48.57 51.03
N LYS A 59 6.48 -48.35 49.85
CA LYS A 59 5.07 -47.96 49.71
C LYS A 59 4.72 -46.60 50.28
N ASP A 60 5.73 -45.80 50.61
CA ASP A 60 5.50 -44.48 51.15
C ASP A 60 5.35 -43.53 49.96
N TRP A 61 4.98 -42.28 50.20
CA TRP A 61 4.85 -41.31 49.12
C TRP A 61 5.89 -40.24 49.32
N PHE A 62 6.46 -39.72 48.24
CA PHE A 62 7.48 -38.69 48.37
C PHE A 62 7.23 -37.47 47.49
N HIS A 63 7.62 -36.31 48.01
CA HIS A 63 7.48 -35.05 47.28
C HIS A 63 8.58 -35.04 46.19
N GLY A 64 8.20 -34.73 44.96
CA GLY A 64 9.17 -34.70 43.89
C GLY A 64 10.33 -33.81 44.27
N SER A 65 10.02 -32.69 44.93
CA SER A 65 11.06 -31.74 45.34
C SER A 65 11.98 -32.26 46.43
N CYS A 66 11.48 -33.17 47.26
CA CYS A 66 12.30 -33.74 48.34
C CYS A 66 13.27 -34.78 47.80
N VAL A 67 12.79 -35.57 46.84
CA VAL A 67 13.60 -36.64 46.26
C VAL A 67 14.20 -36.29 44.92
N GLY A 68 14.00 -35.07 44.45
CA GLY A 68 14.56 -34.66 43.18
C GLY A 68 13.95 -35.26 41.92
N VAL A 69 12.63 -35.41 41.90
CA VAL A 69 11.95 -35.96 40.74
C VAL A 69 11.00 -34.92 40.19
N GLU A 70 11.10 -34.67 38.90
CA GLU A 70 10.26 -33.68 38.24
C GLU A 70 8.96 -34.38 37.82
N GLU A 71 7.87 -33.64 37.73
CA GLU A 71 6.59 -34.22 37.35
C GLU A 71 6.66 -34.90 35.98
N HIS A 72 7.47 -34.35 35.09
CA HIS A 72 7.58 -34.92 33.76
C HIS A 72 8.42 -36.19 33.74
N HIS A 73 9.11 -36.49 34.84
N HIS A 73 9.11 -36.45 34.85
CA HIS A 73 9.93 -37.70 34.88
CA HIS A 73 9.96 -37.64 35.02
C HIS A 73 9.09 -38.90 35.30
C HIS A 73 9.10 -38.87 35.30
N ALA A 74 7.97 -38.64 35.96
CA ALA A 74 7.09 -39.73 36.39
C ALA A 74 6.70 -40.72 35.31
N VAL A 75 6.48 -40.27 34.09
CA VAL A 75 6.06 -41.19 33.03
C VAL A 75 7.19 -42.07 32.53
N ASP A 76 8.42 -41.68 32.86
CA ASP A 76 9.61 -42.43 32.45
C ASP A 76 9.89 -43.51 33.46
N ILE A 77 9.57 -43.22 34.70
CA ILE A 77 9.78 -44.14 35.80
C ILE A 77 8.75 -45.27 35.82
N ASP A 78 9.22 -46.50 35.82
CA ASP A 78 8.33 -47.66 35.83
C ASP A 78 7.97 -48.01 37.27
N LEU A 79 9.01 -48.16 38.08
CA LEU A 79 8.85 -48.48 39.49
C LEU A 79 9.85 -47.60 40.24
N TYR A 80 9.32 -46.69 41.05
CA TYR A 80 10.14 -45.76 41.81
C TYR A 80 10.77 -46.31 43.08
N HIS A 81 12.05 -45.97 43.26
CA HIS A 81 12.80 -46.37 44.43
C HIS A 81 13.28 -45.06 45.03
N CYS A 82 12.90 -44.79 46.29
CA CYS A 82 13.32 -43.56 46.97
C CYS A 82 14.80 -43.65 47.31
N PRO A 83 15.46 -42.50 47.52
CA PRO A 83 16.88 -42.49 47.86
C PRO A 83 17.26 -43.51 48.92
N ASN A 84 16.56 -43.48 50.05
CA ASN A 84 16.90 -44.42 51.11
C ASN A 84 16.83 -45.85 50.62
N CYS A 85 15.70 -46.26 50.08
CA CYS A 85 15.59 -47.62 49.61
C CYS A 85 16.66 -47.93 48.53
N ALA A 86 16.98 -46.95 47.70
CA ALA A 86 17.96 -47.15 46.64
C ALA A 86 19.33 -47.62 47.15
N VAL A 87 19.68 -47.27 48.37
CA VAL A 87 20.96 -47.68 48.92
C VAL A 87 21.20 -49.20 48.81
N LEU A 88 20.18 -50.00 49.04
CA LEU A 88 20.29 -51.46 48.98
C LEU A 88 19.56 -52.09 47.80
N HIS A 89 18.60 -51.37 47.24
CA HIS A 89 17.84 -51.89 46.12
C HIS A 89 18.20 -51.25 44.79
N GLY A 90 19.04 -50.21 44.82
CA GLY A 90 19.42 -49.57 43.57
C GLY A 90 18.39 -48.55 43.10
N SER A 91 18.74 -47.76 42.09
CA SER A 91 17.83 -46.74 41.58
C SER A 91 16.53 -47.29 41.02
N SER A 92 15.62 -46.38 40.66
CA SER A 92 14.32 -46.74 40.12
C SER A 92 14.42 -47.59 38.86
N LEU A 93 13.36 -48.33 38.54
CA LEU A 93 13.36 -49.12 37.32
C LEU A 93 12.65 -48.25 36.29
N MET A 94 13.40 -47.83 35.27
CA MET A 94 12.85 -46.98 34.22
C MET A 94 12.24 -47.78 33.09
N LYS A 95 11.32 -47.16 32.35
CA LYS A 95 10.68 -47.81 31.22
C LYS A 95 11.74 -47.96 30.14
N LYS A 96 11.65 -49.04 29.36
CA LYS A 96 12.63 -49.30 28.31
C LYS A 96 12.23 -48.65 26.98
N ARG A 97 13.19 -48.03 26.31
CA ARG A 97 12.91 -47.38 25.03
C ARG A 97 13.05 -48.37 23.88
N ARG A 98 12.08 -48.35 22.98
CA ARG A 98 12.05 -49.22 21.81
C ARG A 98 11.69 -48.39 20.58
N ASN A 99 11.41 -47.11 20.82
CA ASN A 99 11.00 -46.17 19.79
C ASN A 99 11.95 -45.07 19.41
N TRP A 100 11.39 -44.13 18.66
CA TRP A 100 12.03 -42.94 18.17
C TRP A 100 10.93 -42.19 17.45
N HIS A 101 9.82 -42.88 17.20
CA HIS A 101 8.71 -42.27 16.47
C HIS A 101 7.35 -42.26 17.15
N ARG A 102 7.24 -42.82 18.35
CA ARG A 102 5.95 -42.81 19.04
C ARG A 102 5.96 -42.06 20.39
N HIS A 103 4.85 -41.45 20.75
CA HIS A 103 4.79 -40.73 22.02
C HIS A 103 5.17 -41.66 23.17
N ASP A 104 4.71 -42.90 23.11
CA ASP A 104 5.05 -43.89 24.12
C ASP A 104 6.24 -44.65 23.57
N TYR A 105 7.44 -44.23 23.93
CA TYR A 105 8.64 -44.88 23.44
C TYR A 105 8.83 -46.34 23.82
N THR A 106 7.84 -46.93 24.50
CA THR A 106 7.96 -48.34 24.89
C THR A 106 7.36 -49.30 23.87
N GLU A 107 6.41 -48.80 23.07
CA GLU A 107 5.76 -49.61 22.03
C GLU A 107 6.83 -50.24 21.16
N ILE A 108 6.59 -51.46 20.73
CA ILE A 108 7.53 -52.19 19.89
C ILE A 108 7.65 -51.49 18.54
N ASP A 109 8.85 -51.49 17.97
CA ASP A 109 9.09 -50.87 16.66
C ASP A 109 8.91 -51.96 15.61
N ASP A 110 7.65 -52.28 15.30
CA ASP A 110 7.33 -53.34 14.36
C ASP A 110 6.92 -52.92 12.95
N GLY A 111 6.60 -51.64 12.78
CA GLY A 111 6.18 -51.20 11.46
C GLY A 111 4.80 -50.59 11.52
N SER A 112 3.90 -51.21 12.29
CA SER A 112 2.57 -50.65 12.44
C SER A 112 2.78 -49.42 13.32
N LYS A 113 1.83 -48.48 13.26
CA LYS A 113 1.92 -47.24 14.06
C LYS A 113 2.75 -46.16 13.34
N PRO A 114 2.09 -45.07 12.92
CA PRO A 114 2.73 -43.96 12.21
C PRO A 114 3.56 -43.06 13.12
N VAL A 115 4.33 -42.18 12.48
CA VAL A 115 5.17 -41.26 13.22
C VAL A 115 4.32 -40.19 13.88
N GLN A 116 4.54 -40.00 15.18
CA GLN A 116 3.79 -39.01 15.95
C GLN A 116 4.52 -37.67 16.14
N ALA A 117 3.75 -36.62 16.37
CA ALA A 117 4.30 -35.28 16.53
C ALA A 117 5.29 -35.08 17.65
N GLY A 118 6.37 -34.37 17.34
CA GLY A 118 7.37 -34.05 18.35
C GLY A 118 8.37 -35.10 18.76
N THR A 119 8.31 -36.27 18.15
CA THR A 119 9.23 -37.33 18.49
C THR A 119 10.51 -37.12 17.70
N ARG A 120 11.57 -37.86 18.03
CA ARG A 120 12.84 -37.70 17.33
C ARG A 120 12.74 -37.93 15.83
N THR A 121 12.05 -38.99 15.43
CA THR A 121 11.90 -39.29 14.00
C THR A 121 11.05 -38.19 13.34
N PHE A 122 10.03 -37.73 14.05
CA PHE A 122 9.18 -36.68 13.52
C PHE A 122 10.05 -35.49 13.19
N ILE A 123 10.83 -35.02 14.15
CA ILE A 123 11.70 -33.87 13.93
C ILE A 123 12.62 -34.11 12.75
N LYS A 124 13.27 -35.25 12.73
CA LYS A 124 14.17 -35.60 11.61
C LYS A 124 13.42 -35.39 10.31
N GLU A 125 12.25 -36.01 10.22
CA GLU A 125 11.40 -35.90 9.04
C GLU A 125 10.99 -34.45 8.76
N LEU A 126 10.62 -33.71 9.79
CA LEU A 126 10.21 -32.33 9.59
C LEU A 126 11.36 -31.52 9.00
N ARG A 127 12.57 -31.77 9.50
CA ARG A 127 13.74 -31.03 9.01
C ARG A 127 14.15 -31.40 7.58
N SER A 128 13.62 -32.50 7.06
CA SER A 128 13.96 -32.91 5.70
C SER A 128 12.91 -32.48 4.69
N ARG A 129 11.69 -32.22 5.16
CA ARG A 129 10.59 -31.79 4.29
C ARG A 129 10.95 -30.55 3.45
N VAL A 130 10.22 -30.38 2.34
CA VAL A 130 10.44 -29.24 1.43
C VAL A 130 9.19 -28.35 1.39
N PHE A 131 9.35 -27.07 1.73
CA PHE A 131 8.22 -26.14 1.74
C PHE A 131 8.41 -24.88 0.94
N PRO A 132 7.30 -24.26 0.53
CA PRO A 132 7.44 -23.02 -0.23
C PRO A 132 7.96 -21.97 0.77
N SER A 133 8.99 -21.23 0.39
CA SER A 133 9.52 -20.20 1.27
C SER A 133 8.43 -19.24 1.65
N ALA A 134 8.39 -18.80 2.90
CA ALA A 134 7.37 -17.86 3.32
C ALA A 134 7.58 -16.53 2.60
N ASP A 135 8.67 -16.42 1.84
CA ASP A 135 8.99 -15.20 1.10
C ASP A 135 7.93 -14.89 0.05
N GLU A 136 7.26 -15.93 -0.43
CA GLU A 136 6.23 -15.75 -1.44
C GLU A 136 5.03 -14.96 -0.91
N ILE A 137 4.86 -14.88 0.41
CA ILE A 137 3.72 -14.18 0.98
C ILE A 137 3.95 -13.11 2.04
N ILE A 138 4.91 -13.30 2.94
CA ILE A 138 5.12 -12.30 3.99
C ILE A 138 5.65 -10.98 3.46
N ILE A 139 5.36 -9.92 4.20
CA ILE A 139 5.80 -8.57 3.86
C ILE A 139 6.94 -8.18 4.78
N LYS A 140 8.05 -7.73 4.21
CA LYS A 140 9.17 -7.28 5.04
C LYS A 140 9.17 -5.77 5.00
N MET A 141 9.34 -5.12 6.16
CA MET A 141 9.36 -3.67 6.18
C MET A 141 10.11 -3.09 7.34
N HIS A 142 10.28 -1.77 7.32
N HIS A 142 10.28 -1.77 7.31
CA HIS A 142 10.97 -1.06 8.38
CA HIS A 142 10.96 -1.05 8.37
C HIS A 142 9.96 -0.73 9.46
C HIS A 142 9.96 -0.71 9.45
N GLY A 143 10.38 -0.84 10.71
CA GLY A 143 9.49 -0.54 11.82
C GLY A 143 8.73 0.76 11.67
N SER A 144 9.44 1.81 11.29
CA SER A 144 8.82 3.12 11.13
C SER A 144 7.61 3.11 10.18
N GLN A 145 7.61 2.22 9.20
CA GLN A 145 6.48 2.15 8.25
C GLN A 145 5.30 1.37 8.82
N LEU A 146 5.56 0.42 9.71
CA LEU A 146 4.48 -0.37 10.28
C LEU A 146 3.61 0.45 11.22
N THR A 147 2.60 1.12 10.68
CA THR A 147 1.70 1.96 11.46
C THR A 147 0.25 1.51 11.30
N GLN A 148 -0.65 2.11 12.07
CA GLN A 148 -2.07 1.77 11.98
C GLN A 148 -2.66 2.33 10.69
N ARG A 149 -2.14 3.46 10.24
CA ARG A 149 -2.62 4.07 9.01
C ARG A 149 -2.32 3.10 7.86
N TYR A 150 -1.10 2.56 7.87
CA TYR A 150 -0.67 1.61 6.84
C TYR A 150 -1.50 0.34 6.87
N LEU A 151 -1.78 -0.15 8.07
CA LEU A 151 -2.56 -1.37 8.22
C LEU A 151 -4.02 -1.20 7.77
N GLU A 152 -4.59 -0.05 8.08
CA GLU A 152 -5.96 0.24 7.68
C GLU A 152 -6.05 0.31 6.16
N LYS A 153 -5.06 0.96 5.55
CA LYS A 153 -5.01 1.14 4.11
C LYS A 153 -4.72 -0.11 3.29
N HIS A 154 -3.82 -0.97 3.77
CA HIS A 154 -3.49 -2.18 3.02
C HIS A 154 -3.95 -3.46 3.71
N GLY A 155 -4.53 -3.33 4.90
CA GLY A 155 -4.98 -4.50 5.63
C GLY A 155 -3.87 -5.17 6.41
N PHE A 156 -4.21 -6.20 7.15
CA PHE A 156 -3.23 -6.94 7.93
C PHE A 156 -3.70 -8.39 7.82
N ASP A 157 -3.38 -9.00 6.68
CA ASP A 157 -3.79 -10.37 6.40
C ASP A 157 -2.67 -11.32 6.00
N VAL A 158 -1.44 -10.86 6.15
CA VAL A 158 -0.28 -11.70 5.87
C VAL A 158 0.76 -11.36 6.91
N PRO A 159 1.67 -12.30 7.19
CA PRO A 159 2.72 -12.03 8.17
C PRO A 159 3.65 -10.89 7.76
N ILE A 160 4.04 -10.07 8.73
CA ILE A 160 4.93 -8.97 8.47
C ILE A 160 6.24 -9.23 9.19
N MET A 161 7.33 -9.14 8.45
CA MET A 161 8.66 -9.38 8.98
C MET A 161 9.44 -8.07 9.11
N VAL A 162 9.98 -7.79 10.29
CA VAL A 162 10.74 -6.58 10.50
C VAL A 162 12.19 -6.89 10.92
N PRO A 163 13.07 -7.11 9.94
CA PRO A 163 14.49 -7.42 10.16
C PRO A 163 15.16 -6.64 11.27
N LYS A 164 15.25 -5.32 11.11
CA LYS A 164 15.87 -4.48 12.12
C LYS A 164 14.85 -4.13 13.18
N LEU A 165 15.36 -3.80 14.36
CA LEU A 165 14.52 -3.46 15.52
C LEU A 165 14.13 -1.99 15.53
N ASP A 166 14.83 -1.19 14.76
CA ASP A 166 14.59 0.25 14.68
C ASP A 166 13.17 0.70 14.40
N ASP A 167 12.71 1.66 15.22
CA ASP A 167 11.40 2.27 15.10
C ASP A 167 10.16 1.46 15.48
N LEU A 168 10.34 0.36 16.19
CA LEU A 168 9.18 -0.42 16.57
C LEU A 168 8.60 -0.02 17.91
N GLY A 169 9.39 0.68 18.70
CA GLY A 169 8.93 1.08 20.01
C GLY A 169 8.98 -0.17 20.89
N LEU A 170 9.62 -1.21 20.36
CA LEU A 170 9.78 -2.48 21.06
C LEU A 170 11.08 -2.52 21.85
N ARG A 171 10.97 -2.39 23.16
CA ARG A 171 12.12 -2.39 24.03
C ARG A 171 12.30 -3.76 24.67
N LEU A 172 13.49 -4.35 24.51
CA LEU A 172 13.79 -5.66 25.05
C LEU A 172 15.14 -5.63 25.73
N PRO A 173 15.46 -6.68 26.50
CA PRO A 173 16.78 -6.66 27.14
C PRO A 173 17.91 -6.94 26.16
N SER A 174 19.12 -6.54 26.54
CA SER A 174 20.30 -6.73 25.73
C SER A 174 20.38 -8.14 25.15
N PRO A 175 20.90 -8.27 23.92
CA PRO A 175 21.03 -9.59 23.28
C PRO A 175 21.86 -10.56 24.11
N THR A 176 22.52 -10.04 25.14
CA THR A 176 23.33 -10.90 25.98
C THR A 176 22.49 -11.54 27.09
N PHE A 177 21.26 -11.08 27.24
CA PHE A 177 20.32 -11.57 28.26
C PHE A 177 20.27 -13.09 28.23
N SER A 178 20.52 -13.75 29.36
CA SER A 178 20.50 -15.21 29.39
C SER A 178 19.40 -15.79 30.26
N VAL A 179 19.25 -17.11 30.25
CA VAL A 179 18.22 -17.73 31.06
C VAL A 179 18.51 -17.46 32.53
N MET A 180 19.79 -17.35 32.87
CA MET A 180 20.17 -17.09 34.25
C MET A 180 19.65 -15.71 34.66
N ASP A 181 19.48 -14.84 33.68
CA ASP A 181 18.96 -13.51 33.92
C ASP A 181 17.45 -13.62 34.12
N VAL A 182 16.81 -14.45 33.29
CA VAL A 182 15.38 -14.64 33.41
C VAL A 182 15.09 -15.11 34.82
N GLU A 183 15.96 -15.95 35.36
CA GLU A 183 15.78 -16.44 36.71
C GLU A 183 16.00 -15.31 37.69
N ARG A 184 17.04 -14.51 37.43
CA ARG A 184 17.36 -13.40 38.31
C ARG A 184 16.21 -12.45 38.49
N TYR A 185 15.50 -12.13 37.42
CA TYR A 185 14.38 -11.20 37.53
C TYR A 185 13.11 -11.90 38.00
N VAL A 186 12.53 -12.73 37.14
CA VAL A 186 11.31 -13.44 37.47
C VAL A 186 11.31 -14.05 38.87
N GLY A 187 12.30 -14.86 39.19
CA GLY A 187 12.35 -15.48 40.50
C GLY A 187 12.47 -16.99 40.39
N GLY A 188 13.61 -17.51 40.85
CA GLY A 188 13.87 -18.93 40.76
C GLY A 188 12.78 -19.90 41.19
N ASP A 189 12.06 -19.57 42.24
CA ASP A 189 11.05 -20.49 42.73
C ASP A 189 9.69 -20.37 42.07
N LYS A 190 9.61 -19.65 40.97
CA LYS A 190 8.32 -19.51 40.29
C LYS A 190 7.96 -20.80 39.55
N VAL A 191 6.67 -21.13 39.52
CA VAL A 191 6.23 -22.35 38.85
C VAL A 191 5.74 -22.06 37.45
N ILE A 192 6.36 -22.70 36.47
CA ILE A 192 6.01 -22.51 35.06
C ILE A 192 5.51 -23.82 34.44
N ASP A 193 4.91 -23.73 33.27
CA ASP A 193 4.43 -24.93 32.59
C ASP A 193 5.44 -25.35 31.56
N VAL A 194 5.92 -26.59 31.66
CA VAL A 194 6.89 -27.15 30.74
C VAL A 194 6.22 -28.15 29.81
N ILE A 195 6.79 -28.34 28.63
CA ILE A 195 6.23 -29.28 27.68
C ILE A 195 7.21 -30.34 27.27
N ASP A 196 6.86 -31.59 27.57
CA ASP A 196 7.70 -32.74 27.21
C ASP A 196 7.38 -32.92 25.73
N VAL A 197 8.02 -32.10 24.91
CA VAL A 197 7.78 -32.12 23.47
C VAL A 197 7.66 -33.48 22.79
N ALA A 198 8.42 -34.47 23.21
CA ALA A 198 8.34 -35.78 22.57
C ALA A 198 7.09 -36.58 22.93
N ARG A 199 6.31 -36.08 23.89
CA ARG A 199 5.09 -36.74 24.30
C ARG A 199 3.95 -35.78 24.02
N GLN A 200 4.29 -34.53 23.79
CA GLN A 200 3.31 -33.48 23.56
C GLN A 200 2.41 -33.37 24.80
N ALA A 201 3.02 -33.52 25.98
CA ALA A 201 2.32 -33.46 27.25
C ALA A 201 2.86 -32.37 28.18
N ASP A 202 1.99 -31.84 29.05
CA ASP A 202 2.37 -30.77 29.98
C ASP A 202 2.52 -31.19 31.42
N SER A 203 3.40 -30.48 32.11
CA SER A 203 3.68 -30.72 33.53
C SER A 203 4.10 -29.36 34.08
N LYS A 204 4.67 -29.31 35.29
CA LYS A 204 5.09 -28.04 35.85
C LYS A 204 6.46 -28.14 36.52
N MET A 205 7.22 -27.06 36.45
CA MET A 205 8.54 -27.03 37.05
C MET A 205 8.76 -25.65 37.59
N THR A 206 9.72 -25.52 38.49
CA THR A 206 10.05 -24.22 39.03
C THR A 206 10.98 -23.65 37.96
N LEU A 207 11.01 -22.33 37.81
CA LEU A 207 11.89 -21.76 36.80
C LEU A 207 13.32 -22.14 37.10
N HIS A 208 13.63 -22.30 38.37
CA HIS A 208 14.99 -22.65 38.78
C HIS A 208 15.44 -23.97 38.19
N ASN A 209 14.61 -24.99 38.36
CA ASN A 209 14.95 -26.30 37.84
C ASN A 209 14.98 -26.33 36.32
N TYR A 210 14.17 -25.50 35.69
CA TYR A 210 14.15 -25.46 34.24
C TYR A 210 15.46 -24.89 33.75
N VAL A 211 15.95 -23.84 34.42
CA VAL A 211 17.20 -23.25 34.03
C VAL A 211 18.33 -24.26 34.23
N LYS A 212 18.36 -24.90 35.40
CA LYS A 212 19.38 -25.90 35.68
C LYS A 212 19.43 -26.87 34.51
N TYR A 213 18.26 -27.26 34.02
CA TYR A 213 18.13 -28.18 32.91
C TYR A 213 18.63 -27.61 31.60
N PHE A 214 18.18 -26.41 31.28
CA PHE A 214 18.58 -25.74 30.05
C PHE A 214 20.08 -25.53 30.02
N MET A 215 20.65 -25.21 31.17
CA MET A 215 22.08 -24.95 31.28
C MET A 215 22.96 -26.19 31.09
N ASN A 216 22.42 -27.36 31.40
CA ASN A 216 23.17 -28.59 31.23
C ASN A 216 23.14 -28.84 29.73
N PRO A 217 24.30 -28.74 29.05
CA PRO A 217 24.34 -28.94 27.60
C PRO A 217 23.78 -30.30 27.17
N ASN A 218 23.88 -31.26 28.09
CA ASN A 218 23.40 -32.62 27.82
C ASN A 218 22.01 -32.86 28.42
N ARG A 219 20.97 -32.61 27.63
CA ARG A 219 19.61 -32.83 28.10
C ARG A 219 19.02 -34.09 27.53
N PRO A 220 18.70 -35.04 28.41
CA PRO A 220 18.11 -36.33 28.06
C PRO A 220 16.70 -36.22 27.57
N LYS A 221 16.22 -34.99 27.40
CA LYS A 221 14.84 -34.81 26.95
C LYS A 221 14.59 -33.40 26.44
N VAL A 222 13.68 -33.26 25.49
CA VAL A 222 13.35 -31.96 24.92
C VAL A 222 12.22 -31.30 25.68
N LEU A 223 12.55 -30.29 26.48
CA LEU A 223 11.56 -29.56 27.26
C LEU A 223 11.39 -28.16 26.69
N ASN A 224 10.18 -27.63 26.75
CA ASN A 224 9.94 -26.33 26.18
C ASN A 224 8.99 -25.47 27.01
N VAL A 225 9.35 -24.20 27.21
CA VAL A 225 8.51 -23.30 27.99
C VAL A 225 7.87 -22.31 27.03
N ILE A 226 6.53 -22.23 27.05
CA ILE A 226 5.86 -21.28 26.16
C ILE A 226 4.72 -20.45 26.76
N SER A 227 4.45 -20.60 28.06
CA SER A 227 3.37 -19.81 28.62
C SER A 227 3.79 -18.99 29.82
N LEU A 228 5.08 -18.70 29.92
CA LEU A 228 5.56 -17.89 31.03
C LEU A 228 5.30 -16.42 30.76
N GLU A 229 4.14 -15.93 31.22
CA GLU A 229 3.76 -14.53 31.05
C GLU A 229 4.33 -13.79 32.26
N PHE A 230 5.16 -12.79 32.02
CA PHE A 230 5.82 -12.08 33.12
C PHE A 230 5.43 -10.63 33.33
N SER A 231 4.28 -10.20 32.83
CA SER A 231 3.91 -8.80 32.99
C SER A 231 3.70 -8.40 34.43
N ASP A 232 3.71 -9.37 35.34
CA ASP A 232 3.54 -9.06 36.75
C ASP A 232 4.78 -9.43 37.54
N THR A 233 5.92 -9.38 36.88
CA THR A 233 7.18 -9.70 37.54
C THR A 233 8.10 -8.48 37.38
N LYS A 234 9.20 -8.48 38.13
CA LYS A 234 10.13 -7.38 38.06
C LYS A 234 10.72 -7.31 36.66
N MET A 235 10.56 -8.40 35.90
CA MET A 235 11.08 -8.45 34.54
C MET A 235 10.21 -7.70 33.55
N SER A 236 9.01 -7.33 33.97
CA SER A 236 8.13 -6.59 33.08
C SER A 236 8.82 -5.27 32.76
N GLU A 237 9.50 -4.71 33.77
CA GLU A 237 10.23 -3.45 33.65
C GLU A 237 11.16 -3.39 32.45
N LEU A 238 11.67 -4.55 32.03
CA LEU A 238 12.60 -4.64 30.91
C LEU A 238 11.99 -4.68 29.51
N VAL A 239 10.77 -5.17 29.40
CA VAL A 239 10.12 -5.29 28.10
C VAL A 239 8.99 -4.29 27.86
N GLU A 240 8.81 -3.94 26.59
CA GLU A 240 7.77 -3.01 26.17
C GLU A 240 7.30 -3.41 24.78
N VAL A 241 6.09 -3.94 24.68
CA VAL A 241 5.52 -4.40 23.41
C VAL A 241 5.64 -3.37 22.30
N PRO A 242 5.55 -3.83 21.04
CA PRO A 242 5.64 -2.98 19.86
C PRO A 242 4.55 -1.91 19.83
N ASP A 243 4.89 -0.69 19.41
CA ASP A 243 3.91 0.39 19.35
C ASP A 243 2.66 0.03 18.58
N ILE A 244 2.84 -0.60 17.43
CA ILE A 244 1.72 -0.99 16.60
C ILE A 244 0.79 -1.91 17.41
N ALA A 245 1.38 -2.83 18.16
CA ALA A 245 0.60 -3.77 18.97
C ALA A 245 -0.20 -3.07 20.05
N LYS A 246 0.37 -2.02 20.63
CA LYS A 246 -0.30 -1.26 21.68
C LYS A 246 -1.32 -0.33 21.04
N LYS A 247 -0.97 0.22 19.88
CA LYS A 247 -1.85 1.13 19.16
C LYS A 247 -3.13 0.38 18.79
N LEU A 248 -2.99 -0.86 18.37
CA LEU A 248 -4.13 -1.66 17.96
C LEU A 248 -4.87 -2.35 19.10
N SER A 249 -4.13 -2.89 20.06
CA SER A 249 -4.70 -3.62 21.19
C SER A 249 -6.09 -3.22 21.68
N TRP A 250 -6.99 -4.21 21.76
CA TRP A 250 -8.36 -3.99 22.25
C TRP A 250 -8.32 -3.70 23.74
N VAL A 251 -7.63 -4.56 24.47
CA VAL A 251 -7.52 -4.39 25.91
C VAL A 251 -6.94 -3.01 26.23
N GLU A 252 -5.98 -2.56 25.41
CA GLU A 252 -5.35 -1.26 25.63
C GLU A 252 -6.24 -0.06 25.35
N ASN A 253 -7.20 -0.20 24.43
CA ASN A 253 -8.06 0.93 24.09
C ASN A 253 -9.52 0.83 24.51
N TYR A 254 -9.95 -0.31 25.03
CA TYR A 254 -11.36 -0.43 25.39
C TYR A 254 -11.70 -1.05 26.74
N TRP A 255 -10.77 -1.81 27.31
CA TRP A 255 -11.03 -2.43 28.61
C TRP A 255 -10.95 -1.39 29.71
N PRO A 256 -12.09 -1.12 30.36
CA PRO A 256 -12.23 -0.13 31.44
C PRO A 256 -11.39 -0.44 32.69
N ASP A 257 -11.24 0.58 33.53
CA ASP A 257 -10.50 0.46 34.78
C ASP A 257 -11.50 0.02 35.85
N ASP A 258 -12.72 0.55 35.73
CA ASP A 258 -13.82 0.23 36.64
C ASP A 258 -14.46 -1.09 36.20
N SER A 259 -13.62 -2.11 36.00
CA SER A 259 -14.09 -3.41 35.58
C SER A 259 -14.18 -4.37 36.75
N VAL A 260 -15.26 -5.14 36.80
CA VAL A 260 -15.45 -6.12 37.87
C VAL A 260 -14.55 -7.31 37.53
N PHE A 261 -14.49 -7.62 36.24
CA PHE A 261 -13.66 -8.73 35.75
C PHE A 261 -12.19 -8.34 35.89
N PRO A 262 -11.29 -9.33 35.86
CA PRO A 262 -9.85 -9.08 35.97
C PRO A 262 -9.23 -8.79 34.60
N LYS A 263 -8.52 -7.67 34.47
CA LYS A 263 -7.90 -7.30 33.20
C LYS A 263 -6.93 -8.39 32.72
N PRO A 264 -7.11 -8.86 31.48
CA PRO A 264 -6.27 -9.93 30.89
C PRO A 264 -4.84 -9.52 30.56
N PHE A 265 -3.91 -10.43 30.83
CA PHE A 265 -2.49 -10.20 30.56
C PHE A 265 -1.91 -11.27 29.67
N VAL A 266 -1.87 -10.97 28.39
CA VAL A 266 -1.32 -11.85 27.37
C VAL A 266 -0.48 -10.95 26.49
N GLN A 267 0.16 -9.97 27.12
N GLN A 267 0.16 -9.97 27.11
CA GLN A 267 1.00 -9.01 26.42
CA GLN A 267 1.00 -9.02 26.38
C GLN A 267 2.49 -9.35 26.43
C GLN A 267 2.49 -9.35 26.42
N LYS A 268 2.99 -9.84 27.56
CA LYS A 268 4.41 -10.16 27.69
C LYS A 268 4.69 -11.62 28.01
N TYR A 269 5.25 -12.33 27.06
CA TYR A 269 5.59 -13.72 27.28
C TYR A 269 7.08 -14.00 27.10
N CYS A 270 7.67 -14.81 27.97
CA CYS A 270 9.06 -15.17 27.80
C CYS A 270 9.04 -16.60 27.28
N LEU A 271 9.69 -16.84 26.16
CA LEU A 271 9.70 -18.17 25.57
C LEU A 271 11.12 -18.75 25.59
N MET A 272 11.25 -19.95 26.12
CA MET A 272 12.54 -20.61 26.19
C MET A 272 12.36 -22.05 25.78
N GLY A 273 13.11 -22.49 24.78
CA GLY A 273 13.00 -23.88 24.34
C GLY A 273 14.33 -24.38 23.82
N VAL A 274 14.64 -25.63 24.11
CA VAL A 274 15.90 -26.17 23.62
C VAL A 274 15.71 -26.61 22.19
N GLN A 275 16.80 -26.92 21.50
CA GLN A 275 16.73 -27.36 20.12
C GLN A 275 15.75 -28.51 19.92
N ASP A 276 15.06 -28.49 18.80
CA ASP A 276 14.11 -29.53 18.45
C ASP A 276 12.82 -29.52 19.24
N SER A 277 12.51 -28.39 19.86
CA SER A 277 11.26 -28.29 20.59
C SER A 277 10.27 -28.10 19.46
N TYR A 278 9.05 -28.57 19.64
CA TYR A 278 8.06 -28.44 18.58
C TYR A 278 6.66 -28.14 19.08
N THR A 279 5.96 -27.24 18.38
CA THR A 279 4.60 -26.90 18.75
C THR A 279 3.76 -27.19 17.51
N ASP A 280 2.82 -28.12 17.60
CA ASP A 280 2.01 -28.43 16.43
C ASP A 280 1.08 -27.30 16.04
N PHE A 281 0.57 -27.36 14.82
CA PHE A 281 -0.32 -26.36 14.25
C PHE A 281 -1.47 -25.92 15.16
N HIS A 282 -1.74 -24.63 15.16
CA HIS A 282 -2.81 -24.07 15.96
C HIS A 282 -3.12 -22.64 15.53
N ILE A 283 -4.14 -22.05 16.13
CA ILE A 283 -4.52 -20.67 15.85
C ILE A 283 -4.60 -20.00 17.21
N ASP A 284 -3.67 -19.08 17.47
CA ASP A 284 -3.64 -18.41 18.76
C ASP A 284 -5.00 -18.08 19.34
N PHE A 285 -5.13 -18.37 20.63
CA PHE A 285 -6.37 -18.14 21.38
C PHE A 285 -7.12 -16.85 21.10
N GLY A 286 -8.39 -17.00 20.72
CA GLY A 286 -9.24 -15.86 20.42
C GLY A 286 -8.96 -15.24 19.07
N GLY A 287 -8.27 -15.96 18.19
CA GLY A 287 -7.96 -15.39 16.88
C GLY A 287 -7.14 -14.12 17.04
N THR A 288 -6.33 -14.09 18.10
CA THR A 288 -5.50 -12.91 18.35
C THR A 288 -4.28 -12.89 17.46
N SER A 289 -3.83 -11.68 17.14
CA SER A 289 -2.64 -11.52 16.34
C SER A 289 -1.50 -11.55 17.33
N VAL A 290 -0.30 -11.85 16.87
CA VAL A 290 0.81 -11.95 17.77
C VAL A 290 2.12 -11.42 17.19
N TRP A 291 3.06 -11.11 18.08
CA TRP A 291 4.36 -10.65 17.68
C TRP A 291 5.42 -11.48 18.38
N TYR A 292 6.46 -11.87 17.63
CA TYR A 292 7.56 -12.65 18.16
C TYR A 292 8.89 -12.01 17.83
N HIS A 293 9.77 -11.93 18.81
CA HIS A 293 11.10 -11.41 18.57
C HIS A 293 12.05 -12.42 19.17
N VAL A 294 12.87 -13.02 18.32
CA VAL A 294 13.86 -13.99 18.77
C VAL A 294 15.07 -13.21 19.27
N LEU A 295 15.38 -13.32 20.56
CA LEU A 295 16.54 -12.61 21.11
C LEU A 295 17.80 -13.33 20.69
N TRP A 296 17.80 -14.65 20.85
CA TRP A 296 18.92 -15.49 20.41
C TRP A 296 18.44 -16.91 20.12
N GLY A 297 18.97 -17.47 19.05
CA GLY A 297 18.58 -18.80 18.63
C GLY A 297 17.99 -18.71 17.23
N GLU A 298 17.00 -19.54 16.94
CA GLU A 298 16.37 -19.56 15.62
C GLU A 298 15.06 -20.33 15.66
N LYS A 299 13.95 -19.64 15.41
CA LYS A 299 12.63 -20.23 15.40
C LYS A 299 12.24 -20.42 13.95
N ILE A 300 11.46 -21.46 13.66
CA ILE A 300 11.00 -21.70 12.30
C ILE A 300 9.49 -21.89 12.30
N PHE A 301 8.78 -20.95 11.70
CA PHE A 301 7.35 -21.01 11.63
C PHE A 301 6.86 -21.65 10.35
N TYR A 302 5.83 -22.49 10.46
CA TYR A 302 5.19 -23.16 9.33
C TYR A 302 3.83 -22.47 9.24
N LEU A 303 3.72 -21.54 8.30
CA LEU A 303 2.51 -20.76 8.15
C LEU A 303 1.50 -21.25 7.11
N ILE A 304 0.22 -21.24 7.49
CA ILE A 304 -0.90 -21.65 6.65
C ILE A 304 -1.93 -20.52 6.62
N LYS A 305 -2.36 -20.10 5.43
CA LYS A 305 -3.33 -19.02 5.28
C LYS A 305 -4.72 -19.42 5.80
N PRO A 306 -5.44 -18.47 6.40
CA PRO A 306 -6.78 -18.70 6.96
C PRO A 306 -7.93 -18.74 5.94
N THR A 307 -7.82 -19.57 4.91
CA THR A 307 -8.90 -19.66 3.92
C THR A 307 -10.02 -20.52 4.50
N ASP A 308 -11.23 -20.30 4.01
CA ASP A 308 -12.36 -21.08 4.47
C ASP A 308 -11.98 -22.55 4.42
N GLU A 309 -11.47 -22.98 3.27
CA GLU A 309 -11.08 -24.35 3.04
C GLU A 309 -10.18 -24.85 4.16
N ASN A 310 -9.04 -24.17 4.32
CA ASN A 310 -8.07 -24.55 5.34
C ASN A 310 -8.63 -24.52 6.75
N LEU A 311 -9.34 -23.44 7.09
CA LEU A 311 -9.94 -23.31 8.43
C LEU A 311 -10.87 -24.47 8.75
N ALA A 312 -11.43 -25.10 7.72
CA ALA A 312 -12.31 -26.24 7.93
C ALA A 312 -11.43 -27.46 8.16
N ARG A 313 -10.49 -27.67 7.24
CA ARG A 313 -9.57 -28.79 7.34
C ARG A 313 -8.83 -28.77 8.66
N TYR A 314 -8.61 -27.57 9.20
CA TYR A 314 -7.92 -27.42 10.48
C TYR A 314 -8.84 -27.85 11.62
N GLU A 315 -10.07 -27.35 11.62
CA GLU A 315 -11.02 -27.67 12.68
C GLU A 315 -11.31 -29.16 12.74
N SER A 316 -11.22 -29.83 11.59
CA SER A 316 -11.45 -31.27 11.55
C SER A 316 -10.21 -31.92 12.14
N TRP A 317 -9.06 -31.56 11.60
CA TRP A 317 -7.78 -32.08 12.06
C TRP A 317 -7.62 -31.93 13.57
N SER A 318 -7.90 -30.75 14.10
CA SER A 318 -7.74 -30.51 15.54
C SER A 318 -8.74 -31.25 16.42
N SER A 319 -9.53 -32.12 15.80
CA SER A 319 -10.51 -32.89 16.55
C SER A 319 -10.44 -34.36 16.19
N SER A 320 -9.88 -34.66 15.02
CA SER A 320 -9.75 -36.06 14.61
C SER A 320 -9.00 -36.77 15.71
N VAL A 321 -9.05 -38.10 15.71
CA VAL A 321 -8.36 -38.86 16.73
C VAL A 321 -6.94 -39.19 16.30
N THR A 322 -6.70 -39.14 15.00
CA THR A 322 -5.38 -39.41 14.46
C THR A 322 -4.53 -38.14 14.32
N GLN A 323 -4.96 -37.07 14.99
CA GLN A 323 -4.28 -35.78 14.94
C GLN A 323 -2.77 -35.87 15.12
N SER A 324 -2.34 -36.52 16.18
CA SER A 324 -0.93 -36.67 16.48
C SER A 324 -0.19 -37.46 15.43
N GLU A 325 -0.92 -38.11 14.53
CA GLU A 325 -0.28 -38.92 13.50
C GLU A 325 -0.34 -38.32 12.09
N VAL A 326 -0.92 -37.14 11.97
CA VAL A 326 -1.05 -36.47 10.68
C VAL A 326 -0.40 -35.09 10.67
N PHE A 327 0.61 -34.92 9.82
CA PHE A 327 1.25 -33.61 9.71
C PHE A 327 0.27 -32.77 8.92
N PHE A 328 -0.47 -31.92 9.63
CA PHE A 328 -1.47 -31.09 9.00
C PHE A 328 -1.03 -30.32 7.76
N GLY A 329 0.22 -29.89 7.74
CA GLY A 329 0.71 -29.16 6.59
C GLY A 329 0.47 -29.88 5.27
N ASP A 330 0.20 -31.17 5.33
CA ASP A 330 -0.07 -31.95 4.12
C ASP A 330 -1.53 -31.91 3.73
N LYS A 331 -2.39 -31.63 4.70
CA LYS A 331 -3.81 -31.57 4.41
C LYS A 331 -4.21 -30.27 3.73
N VAL A 332 -3.22 -29.45 3.33
CA VAL A 332 -3.53 -28.19 2.67
C VAL A 332 -2.69 -27.94 1.42
N ASP A 333 -3.07 -26.91 0.68
CA ASP A 333 -2.36 -26.56 -0.55
C ASP A 333 -1.00 -25.91 -0.36
N LYS A 334 -0.89 -25.00 0.59
CA LYS A 334 0.40 -24.34 0.81
C LYS A 334 0.79 -24.05 2.24
N CYS A 335 1.94 -24.60 2.63
CA CYS A 335 2.51 -24.44 3.97
C CYS A 335 3.83 -23.70 3.82
N TYR A 336 3.87 -22.46 4.29
CA TYR A 336 5.08 -21.63 4.18
C TYR A 336 6.05 -21.79 5.34
N LYS A 337 7.31 -21.98 5.00
CA LYS A 337 8.38 -22.13 5.98
C LYS A 337 9.04 -20.77 6.20
N CYS A 338 8.82 -20.20 7.38
CA CYS A 338 9.37 -18.90 7.72
C CYS A 338 10.44 -18.97 8.79
N VAL A 339 11.70 -18.84 8.38
CA VAL A 339 12.80 -18.90 9.32
C VAL A 339 12.96 -17.56 10.00
N VAL A 340 12.85 -17.54 11.32
CA VAL A 340 13.01 -16.28 12.04
C VAL A 340 14.37 -16.29 12.73
N LYS A 341 15.28 -15.47 12.22
CA LYS A 341 16.63 -15.36 12.77
C LYS A 341 16.62 -14.53 14.07
N GLN A 342 17.66 -14.70 14.88
CA GLN A 342 17.72 -13.92 16.12
C GLN A 342 17.90 -12.47 15.72
N GLY A 343 17.16 -11.59 16.38
CA GLY A 343 17.25 -10.18 16.08
C GLY A 343 16.07 -9.70 15.23
N HIS A 344 15.38 -10.63 14.59
CA HIS A 344 14.24 -10.33 13.74
C HIS A 344 12.91 -10.35 14.50
N THR A 345 11.93 -9.62 13.99
CA THR A 345 10.62 -9.58 14.63
C THR A 345 9.57 -9.98 13.62
N LEU A 346 8.69 -10.89 14.01
CA LEU A 346 7.63 -11.37 13.13
C LEU A 346 6.27 -11.00 13.66
N PHE A 347 5.33 -10.74 12.75
CA PHE A 347 3.95 -10.40 13.12
C PHE A 347 3.00 -11.35 12.38
N VAL A 348 2.27 -12.16 13.14
CA VAL A 348 1.33 -13.07 12.52
C VAL A 348 -0.05 -12.54 12.79
N PRO A 349 -0.80 -12.23 11.74
CA PRO A 349 -2.16 -11.70 11.84
C PRO A 349 -3.25 -12.71 12.18
N THR A 350 -4.41 -12.18 12.52
CA THR A 350 -5.58 -12.95 12.88
C THR A 350 -5.88 -14.17 12.02
N GLY A 351 -6.13 -15.30 12.69
CA GLY A 351 -6.49 -16.52 12.01
C GLY A 351 -5.44 -17.47 11.50
N TRP A 352 -4.29 -16.94 11.08
CA TRP A 352 -3.23 -17.79 10.53
C TRP A 352 -2.90 -19.00 11.37
N ILE A 353 -2.87 -20.15 10.69
CA ILE A 353 -2.58 -21.44 11.30
C ILE A 353 -1.08 -21.65 11.23
N HIS A 354 -0.45 -21.99 12.35
CA HIS A 354 0.99 -22.19 12.34
C HIS A 354 1.54 -23.14 13.40
N ALA A 355 2.65 -23.76 13.06
CA ALA A 355 3.35 -24.67 13.94
C ALA A 355 4.76 -24.08 14.03
N VAL A 356 5.49 -24.39 15.09
CA VAL A 356 6.82 -23.82 15.23
C VAL A 356 7.87 -24.84 15.62
N LEU A 357 9.00 -24.80 14.94
CA LEU A 357 10.12 -25.70 15.22
C LEU A 357 11.25 -24.86 15.76
N THR A 358 11.91 -25.35 16.81
CA THR A 358 13.02 -24.59 17.37
C THR A 358 14.34 -25.15 16.85
N SER A 359 14.81 -24.59 15.74
CA SER A 359 16.06 -25.01 15.11
C SER A 359 17.22 -25.09 16.07
N GLN A 360 17.25 -24.22 17.07
CA GLN A 360 18.32 -24.23 18.06
C GLN A 360 17.91 -23.57 19.36
N ASP A 361 18.64 -23.88 20.42
CA ASP A 361 18.33 -23.31 21.73
C ASP A 361 18.01 -21.85 21.52
N CYS A 362 16.84 -21.44 21.98
CA CYS A 362 16.47 -20.06 21.79
C CYS A 362 15.64 -19.45 22.90
N MET A 363 15.72 -18.14 23.03
CA MET A 363 14.96 -17.40 24.01
C MET A 363 14.30 -16.30 23.20
N ALA A 364 12.98 -16.18 23.29
CA ALA A 364 12.29 -15.16 22.53
C ALA A 364 11.14 -14.56 23.31
N PHE A 365 10.85 -13.29 23.09
CA PHE A 365 9.73 -12.65 23.76
C PHE A 365 8.63 -12.46 22.73
N GLY A 366 7.37 -12.40 23.18
CA GLY A 366 6.28 -12.23 22.24
C GLY A 366 4.99 -11.84 22.93
N GLY A 367 3.95 -11.53 22.16
CA GLY A 367 2.69 -11.13 22.76
C GLY A 367 1.48 -11.21 21.84
N ASN A 368 0.30 -11.33 22.43
CA ASN A 368 -0.95 -11.43 21.69
C ASN A 368 -1.84 -10.21 21.88
N PHE A 369 -2.60 -9.87 20.84
CA PHE A 369 -3.51 -8.71 20.92
C PHE A 369 -4.64 -8.80 19.91
N LEU A 370 -5.77 -8.18 20.24
CA LEU A 370 -6.95 -8.14 19.38
C LEU A 370 -7.06 -6.71 18.86
N HIS A 371 -7.63 -6.54 17.67
CA HIS A 371 -7.73 -5.22 17.08
C HIS A 371 -8.96 -5.13 16.16
N ASN A 372 -9.23 -3.95 15.62
CA ASN A 372 -10.40 -3.77 14.76
C ASN A 372 -10.22 -4.22 13.33
N LEU A 373 -8.99 -4.19 12.83
CA LEU A 373 -8.70 -4.56 11.46
C LEU A 373 -9.36 -5.83 10.95
N ASN A 374 -9.59 -6.80 11.83
CA ASN A 374 -10.21 -8.06 11.41
C ASN A 374 -11.19 -8.59 12.43
N ILE A 375 -12.12 -7.75 12.86
CA ILE A 375 -13.10 -8.17 13.85
C ILE A 375 -13.81 -9.47 13.50
N GLY A 376 -14.25 -9.59 12.25
CA GLY A 376 -14.96 -10.79 11.81
C GLY A 376 -14.23 -12.11 12.00
N MET A 377 -12.97 -12.17 11.57
CA MET A 377 -12.18 -13.40 11.69
C MET A 377 -11.93 -13.77 13.15
N GLN A 378 -11.68 -12.76 13.97
CA GLN A 378 -11.45 -13.02 15.39
C GLN A 378 -12.64 -13.78 15.93
N LEU A 379 -13.83 -13.24 15.69
CA LEU A 379 -15.07 -13.87 16.14
C LEU A 379 -15.13 -15.27 15.55
N ARG A 380 -14.79 -15.39 14.28
CA ARG A 380 -14.80 -16.69 13.62
C ARG A 380 -13.96 -17.69 14.39
N CYS A 381 -12.74 -17.29 14.73
CA CYS A 381 -11.85 -18.17 15.46
C CYS A 381 -12.40 -18.47 16.84
N TYR A 382 -13.01 -17.48 17.48
CA TYR A 382 -13.59 -17.68 18.81
C TYR A 382 -14.75 -18.67 18.74
N GLU A 383 -15.55 -18.57 17.70
CA GLU A 383 -16.64 -19.50 17.57
C GLU A 383 -16.09 -20.90 17.38
N MET A 384 -14.94 -21.02 16.73
CA MET A 384 -14.35 -22.33 16.50
C MET A 384 -13.80 -22.98 17.76
N GLU A 385 -13.21 -22.17 18.63
CA GLU A 385 -12.66 -22.71 19.87
C GLU A 385 -13.77 -23.25 20.74
N LYS A 386 -14.92 -22.59 20.68
CA LYS A 386 -16.07 -23.00 21.47
C LYS A 386 -16.56 -24.38 21.05
N ARG A 387 -16.53 -24.65 19.74
CA ARG A 387 -16.98 -25.92 19.20
C ARG A 387 -16.00 -27.05 19.50
N LEU A 388 -14.71 -26.72 19.50
CA LEU A 388 -13.67 -27.71 19.79
C LEU A 388 -13.57 -27.90 21.30
N LYS A 389 -14.47 -27.22 22.01
CA LYS A 389 -14.52 -27.29 23.47
C LYS A 389 -13.12 -27.26 24.06
N THR A 390 -12.25 -26.46 23.44
CA THR A 390 -10.88 -26.32 23.92
C THR A 390 -11.01 -25.93 25.38
N PRO A 391 -10.15 -26.51 26.24
CA PRO A 391 -10.18 -26.22 27.68
C PRO A 391 -10.33 -24.73 28.00
N ASP A 392 -10.79 -24.45 29.22
CA ASP A 392 -10.97 -23.08 29.64
C ASP A 392 -9.64 -22.36 29.62
N LEU A 393 -8.71 -22.83 30.45
CA LEU A 393 -7.38 -22.23 30.58
C LEU A 393 -6.56 -22.17 29.29
N PHE A 394 -7.07 -22.77 28.22
CA PHE A 394 -6.36 -22.75 26.94
C PHE A 394 -6.93 -21.74 25.94
N LYS A 395 -7.87 -20.90 26.39
CA LYS A 395 -8.49 -19.89 25.52
C LYS A 395 -8.02 -18.49 25.93
N PHE A 396 -8.74 -17.49 25.44
CA PHE A 396 -8.47 -16.08 25.76
C PHE A 396 -9.43 -15.71 26.91
N PRO A 397 -8.91 -15.53 28.13
CA PRO A 397 -9.64 -15.18 29.38
C PRO A 397 -11.08 -14.63 29.30
N PHE A 398 -11.24 -13.39 28.85
CA PHE A 398 -12.57 -12.78 28.76
C PHE A 398 -12.89 -12.25 27.38
N PHE A 399 -12.88 -13.15 26.40
CA PHE A 399 -13.14 -12.78 25.03
C PHE A 399 -14.45 -12.01 24.89
N GLU A 400 -15.55 -12.62 25.31
CA GLU A 400 -16.86 -11.98 25.21
C GLU A 400 -16.88 -10.63 25.93
N ALA A 401 -16.30 -10.59 27.12
CA ALA A 401 -16.27 -9.36 27.90
C ALA A 401 -15.70 -8.20 27.07
N ILE A 402 -14.51 -8.39 26.50
CA ILE A 402 -13.93 -7.33 25.69
C ILE A 402 -14.82 -6.99 24.49
N CYS A 403 -15.33 -8.02 23.81
CA CYS A 403 -16.20 -7.78 22.65
C CYS A 403 -17.32 -6.80 22.99
N TRP A 404 -17.82 -6.88 24.23
CA TRP A 404 -18.89 -5.99 24.65
C TRP A 404 -18.37 -4.58 24.74
N PHE A 405 -17.32 -4.39 25.53
CA PHE A 405 -16.73 -3.08 25.68
C PHE A 405 -16.40 -2.42 24.34
N VAL A 406 -15.92 -3.24 23.40
CA VAL A 406 -15.58 -2.74 22.08
C VAL A 406 -16.83 -2.24 21.37
N ALA A 407 -17.81 -3.13 21.21
CA ALA A 407 -19.05 -2.76 20.53
C ALA A 407 -19.53 -1.43 21.08
N LYS A 408 -19.45 -1.28 22.40
CA LYS A 408 -19.87 -0.06 23.07
C LYS A 408 -19.13 1.17 22.55
N ASN A 409 -17.81 1.20 22.73
CA ASN A 409 -16.99 2.31 22.29
C ASN A 409 -17.09 2.60 20.81
N LEU A 410 -17.15 1.55 19.99
CA LEU A 410 -17.25 1.75 18.56
C LEU A 410 -18.57 2.43 18.23
N LEU A 411 -19.58 2.22 19.09
CA LEU A 411 -20.87 2.85 18.87
C LEU A 411 -20.67 4.36 18.95
N GLU A 412 -19.99 4.78 20.02
CA GLU A 412 -19.70 6.19 20.25
C GLU A 412 -18.88 6.76 19.09
N THR A 413 -17.96 5.97 18.56
CA THR A 413 -17.11 6.43 17.46
C THR A 413 -17.92 6.62 16.19
N LEU A 414 -18.51 5.53 15.70
CA LEU A 414 -19.31 5.55 14.47
C LEU A 414 -20.33 6.67 14.51
N LYS A 415 -20.92 6.85 15.69
CA LYS A 415 -21.93 7.88 15.92
C LYS A 415 -21.29 9.27 15.89
N GLU A 416 -20.16 9.42 16.57
CA GLU A 416 -19.43 10.70 16.62
C GLU A 416 -18.92 11.13 15.25
N LEU A 417 -18.72 10.17 14.33
CA LEU A 417 -18.23 10.49 12.99
C LEU A 417 -19.39 10.98 12.15
N ARG A 418 -20.56 10.37 12.34
CA ARG A 418 -21.76 10.74 11.60
C ARG A 418 -22.19 12.16 12.00
N GLU A 419 -22.30 12.40 13.30
CA GLU A 419 -22.68 13.71 13.81
C GLU A 419 -21.54 14.69 13.58
N ASP A 420 -20.46 14.22 12.97
CA ASP A 420 -19.29 15.05 12.71
C ASP A 420 -18.99 15.34 11.24
N GLY A 421 -19.70 14.68 10.32
CA GLY A 421 -19.46 14.92 8.91
C GLY A 421 -18.88 13.79 8.07
N PHE A 422 -17.93 13.05 8.62
CA PHE A 422 -17.29 11.95 7.88
C PHE A 422 -18.08 10.64 7.90
N GLN A 423 -17.78 9.75 6.94
CA GLN A 423 -18.41 8.44 6.85
C GLN A 423 -17.34 7.42 7.26
N PRO A 424 -17.68 6.48 8.15
CA PRO A 424 -16.73 5.45 8.62
C PRO A 424 -16.01 4.67 7.51
N GLN A 425 -14.80 4.18 7.82
CA GLN A 425 -14.01 3.42 6.85
C GLN A 425 -14.62 2.04 6.59
N THR A 426 -14.66 1.65 5.32
CA THR A 426 -15.23 0.38 4.91
C THR A 426 -14.99 -0.80 5.87
N TYR A 427 -13.72 -1.08 6.19
CA TYR A 427 -13.42 -2.21 7.08
C TYR A 427 -14.09 -2.15 8.44
N LEU A 428 -13.95 -1.02 9.12
CA LEU A 428 -14.54 -0.87 10.44
C LEU A 428 -16.03 -1.17 10.38
N VAL A 429 -16.70 -0.71 9.33
CA VAL A 429 -18.13 -0.96 9.19
C VAL A 429 -18.34 -2.45 8.97
N GLN A 430 -17.61 -3.03 8.03
CA GLN A 430 -17.75 -4.46 7.75
C GLN A 430 -17.57 -5.23 9.06
N GLY A 431 -16.68 -4.70 9.90
CA GLY A 431 -16.37 -5.33 11.18
C GLY A 431 -17.40 -5.11 12.27
N VAL A 432 -17.84 -3.86 12.46
CA VAL A 432 -18.84 -3.57 13.48
C VAL A 432 -20.09 -4.37 13.16
N LYS A 433 -20.32 -4.58 11.87
CA LYS A 433 -21.47 -5.33 11.43
C LYS A 433 -21.34 -6.80 11.81
N ALA A 434 -20.13 -7.33 11.74
CA ALA A 434 -19.87 -8.72 12.09
C ALA A 434 -19.99 -8.91 13.61
N LEU A 435 -19.55 -7.88 14.35
CA LEU A 435 -19.61 -7.88 15.80
C LEU A 435 -21.08 -7.76 16.18
N HIS A 436 -21.81 -6.96 15.40
CA HIS A 436 -23.23 -6.77 15.63
C HIS A 436 -23.86 -8.15 15.56
N THR A 437 -23.66 -8.83 14.44
CA THR A 437 -24.18 -10.18 14.22
C THR A 437 -23.88 -11.09 15.41
N ALA A 438 -22.65 -11.00 15.92
CA ALA A 438 -22.20 -11.81 17.03
C ALA A 438 -22.94 -11.53 18.35
N LEU A 439 -23.01 -10.27 18.73
CA LEU A 439 -23.69 -9.90 19.96
C LEU A 439 -25.16 -10.35 19.93
N LYS A 440 -25.81 -10.13 18.79
CA LYS A 440 -27.21 -10.50 18.63
C LYS A 440 -27.34 -12.00 18.83
N LEU A 441 -26.40 -12.75 18.28
CA LEU A 441 -26.41 -14.20 18.38
C LEU A 441 -26.28 -14.70 19.82
N TRP A 442 -25.49 -14.01 20.63
CA TRP A 442 -25.29 -14.41 22.01
C TRP A 442 -26.50 -14.14 22.88
N MET A 443 -27.29 -13.15 22.49
CA MET A 443 -28.47 -12.81 23.26
C MET A 443 -29.64 -13.71 22.89
N LYS A 444 -29.58 -14.32 21.70
CA LYS A 444 -30.64 -15.21 21.24
C LYS A 444 -31.16 -16.09 22.37
N LYS A 445 -32.48 -16.07 22.56
CA LYS A 445 -33.15 -16.83 23.63
C LYS A 445 -32.57 -18.20 23.95
N GLU A 446 -32.38 -19.04 22.94
CA GLU A 446 -31.85 -20.38 23.14
C GLU A 446 -30.34 -20.39 23.43
N LEU A 447 -29.73 -19.21 23.45
CA LEU A 447 -28.29 -19.10 23.68
C LEU A 447 -27.88 -18.19 24.83
N VAL A 448 -28.56 -17.06 25.00
CA VAL A 448 -28.22 -16.11 26.06
C VAL A 448 -27.90 -16.78 27.42
N SER A 449 -28.33 -18.02 27.59
CA SER A 449 -28.08 -18.75 28.82
C SER A 449 -26.58 -18.90 29.09
N GLU A 450 -25.79 -19.23 28.07
CA GLU A 450 -24.35 -19.40 28.26
C GLU A 450 -23.57 -18.07 28.19
N HIS A 451 -23.94 -17.22 27.23
CA HIS A 451 -23.27 -15.93 27.06
C HIS A 451 -23.67 -14.91 28.14
N ALA A 452 -24.55 -15.33 29.03
CA ALA A 452 -25.05 -14.47 30.11
C ALA A 452 -23.98 -14.03 31.10
N PHE A 453 -23.33 -14.98 31.76
CA PHE A 453 -22.31 -14.67 32.76
C PHE A 453 -21.21 -13.74 32.24
N GLU A 454 -20.99 -13.76 30.93
CA GLU A 454 -19.94 -12.97 30.30
C GLU A 454 -20.23 -11.49 30.06
N ILE A 455 -21.46 -11.06 30.22
CA ILE A 455 -21.78 -9.65 29.98
C ILE A 455 -21.40 -8.73 31.15
N PRO A 456 -20.73 -7.60 30.83
CA PRO A 456 -20.33 -6.66 31.88
C PRO A 456 -21.55 -5.94 32.43
N ASP A 457 -21.64 -5.85 33.74
CA ASP A 457 -22.77 -5.14 34.35
C ASP A 457 -22.40 -3.66 34.30
N ASN A 458 -22.20 -3.19 33.07
CA ASN A 458 -21.82 -1.82 32.77
C ASN A 458 -22.44 -1.49 31.42
N VAL A 459 -22.94 -2.54 30.75
CA VAL A 459 -23.53 -2.39 29.42
C VAL A 459 -24.97 -2.89 29.32
N ARG A 460 -25.74 -2.25 28.43
CA ARG A 460 -27.13 -2.61 28.18
C ARG A 460 -27.16 -3.43 26.90
N PRO A 461 -26.97 -4.76 27.00
CA PRO A 461 -26.97 -5.62 25.81
C PRO A 461 -28.05 -5.32 24.78
N GLY A 462 -29.32 -5.39 25.19
CA GLY A 462 -30.41 -5.13 24.26
C GLY A 462 -30.38 -3.73 23.66
N HIS A 463 -29.93 -2.76 24.47
CA HIS A 463 -29.86 -1.36 24.04
C HIS A 463 -28.79 -1.12 22.99
N LEU A 464 -27.58 -1.59 23.27
CA LEU A 464 -26.44 -1.43 22.36
C LEU A 464 -26.80 -2.00 20.99
N ILE A 465 -27.38 -3.20 21.00
CA ILE A 465 -27.76 -3.88 19.78
C ILE A 465 -28.77 -3.07 18.96
N LYS A 466 -29.60 -2.29 19.64
CA LYS A 466 -30.61 -1.47 18.96
C LYS A 466 -29.95 -0.23 18.35
N GLU A 467 -29.25 0.52 19.20
CA GLU A 467 -28.57 1.74 18.76
C GLU A 467 -27.52 1.44 17.67
N LEU A 468 -26.93 0.26 17.75
CA LEU A 468 -25.92 -0.18 16.79
C LEU A 468 -26.55 -0.51 15.43
N SER A 469 -27.76 -1.07 15.48
CA SER A 469 -28.48 -1.45 14.27
C SER A 469 -28.84 -0.24 13.41
N LYS A 470 -29.21 0.85 14.06
CA LYS A 470 -29.58 2.07 13.34
C LYS A 470 -28.39 2.77 12.69
N VAL A 471 -27.30 2.92 13.45
CA VAL A 471 -26.10 3.56 12.90
C VAL A 471 -25.64 2.76 11.70
N ILE A 472 -25.79 1.44 11.78
CA ILE A 472 -25.40 0.56 10.69
C ILE A 472 -26.34 0.83 9.51
N ARG A 473 -27.64 0.91 9.81
CA ARG A 473 -28.65 1.20 8.79
C ARG A 473 -28.33 2.55 8.16
N ALA A 474 -28.01 3.52 9.01
CA ALA A 474 -27.66 4.87 8.56
C ALA A 474 -26.48 4.81 7.60
N ILE A 475 -25.35 4.31 8.09
CA ILE A 475 -24.15 4.20 7.27
C ILE A 475 -24.46 3.48 5.96
N GLU A 476 -25.13 2.33 6.05
CA GLU A 476 -25.49 1.56 4.88
C GLU A 476 -26.31 2.40 3.89
N GLU A 477 -27.07 3.36 4.41
CA GLU A 477 -27.90 4.25 3.59
C GLU A 477 -27.08 5.30 2.84
N GLU A 478 -26.30 6.08 3.59
CA GLU A 478 -25.45 7.14 3.01
C GLU A 478 -24.52 6.64 1.90
N ASN A 479 -24.14 5.37 1.96
CA ASN A 479 -23.24 4.78 0.97
C ASN A 479 -23.96 3.85 0.00
N PRO B 32 -4.89 43.25 -68.95
CA PRO B 32 -4.11 42.22 -68.21
C PRO B 32 -3.67 42.69 -66.81
N PRO B 33 -4.18 42.03 -65.75
CA PRO B 33 -3.87 42.34 -64.35
C PRO B 33 -2.54 41.76 -63.84
N PRO B 34 -1.84 42.51 -62.97
CA PRO B 34 -0.55 42.02 -62.45
C PRO B 34 -0.74 40.66 -61.75
N PRO B 35 0.20 39.72 -61.96
CA PRO B 35 0.17 38.38 -61.38
C PRO B 35 0.61 38.34 -59.93
N PRO B 36 0.60 37.13 -59.34
CA PRO B 36 1.01 36.97 -57.95
C PRO B 36 2.37 37.62 -57.73
N PRO B 37 2.54 38.32 -56.62
CA PRO B 37 3.84 38.95 -56.38
C PRO B 37 4.90 37.86 -56.18
N VAL B 38 6.17 38.24 -56.34
CA VAL B 38 7.27 37.29 -56.18
C VAL B 38 8.28 37.89 -55.22
N TYR B 39 8.64 37.12 -54.19
CA TYR B 39 9.57 37.62 -53.18
C TYR B 39 10.76 36.73 -52.87
N CYS B 40 11.48 37.11 -51.82
CA CYS B 40 12.64 36.37 -51.32
C CYS B 40 13.76 36.24 -52.32
N VAL B 41 14.88 35.66 -51.86
CA VAL B 41 16.02 35.43 -52.75
C VAL B 41 15.73 34.17 -53.55
N CYS B 42 14.88 33.31 -53.00
CA CYS B 42 14.51 32.07 -53.66
C CYS B 42 13.54 32.37 -54.80
N ARG B 43 13.07 33.61 -54.85
CA ARG B 43 12.16 34.07 -55.90
C ARG B 43 10.92 33.23 -56.16
N GLN B 44 9.98 33.26 -55.22
CA GLN B 44 8.74 32.54 -55.40
C GLN B 44 7.56 33.31 -54.81
N PRO B 45 6.32 33.02 -55.27
CA PRO B 45 5.08 33.67 -54.83
C PRO B 45 4.82 33.53 -53.34
N TYR B 46 4.09 34.48 -52.78
CA TYR B 46 3.77 34.45 -51.36
C TYR B 46 3.23 33.09 -50.99
N ASP B 47 3.32 32.73 -49.72
CA ASP B 47 2.83 31.43 -49.23
C ASP B 47 2.34 31.64 -47.81
N VAL B 48 1.02 31.74 -47.65
CA VAL B 48 0.45 31.95 -46.33
C VAL B 48 1.01 31.04 -45.24
N ASN B 49 1.50 29.87 -45.63
CA ASN B 49 2.04 28.93 -44.67
C ASN B 49 3.45 29.24 -44.19
N ARG B 50 4.19 30.07 -44.93
CA ARG B 50 5.56 30.38 -44.52
C ARG B 50 5.78 31.79 -44.00
N PHE B 51 6.49 31.87 -42.88
CA PHE B 51 6.81 33.12 -42.21
C PHE B 51 7.77 33.98 -43.03
N MET B 52 7.44 35.26 -43.18
CA MET B 52 8.27 36.18 -43.94
C MET B 52 8.51 37.50 -43.20
N ILE B 53 9.67 38.11 -43.45
CA ILE B 53 10.01 39.37 -42.83
C ILE B 53 10.39 40.37 -43.92
N GLU B 54 10.15 41.65 -43.67
CA GLU B 54 10.43 42.71 -44.66
C GLU B 54 11.71 43.54 -44.46
N CYS B 55 12.51 43.65 -45.51
CA CYS B 55 13.74 44.43 -45.47
C CYS B 55 13.42 45.91 -45.50
N ASP B 56 13.71 46.59 -44.41
CA ASP B 56 13.45 48.02 -44.33
C ASP B 56 14.24 48.82 -45.35
N ILE B 57 15.16 48.19 -46.04
CA ILE B 57 15.96 48.90 -47.01
C ILE B 57 15.46 48.71 -48.44
N CYS B 58 15.55 47.49 -48.96
CA CYS B 58 15.11 47.24 -50.32
C CYS B 58 13.62 46.99 -50.48
N LYS B 59 12.90 46.99 -49.36
CA LYS B 59 11.45 46.80 -49.35
C LYS B 59 10.92 45.47 -49.88
N ASP B 60 11.80 44.48 -49.99
CA ASP B 60 11.43 43.15 -50.46
C ASP B 60 11.07 42.28 -49.24
N TRP B 61 10.56 41.08 -49.46
CA TRP B 61 10.20 40.21 -48.36
C TRP B 61 10.99 38.90 -48.44
N PHE B 62 11.42 38.39 -47.30
CA PHE B 62 12.20 37.16 -47.33
C PHE B 62 11.68 36.13 -46.37
N HIS B 63 11.82 34.86 -46.75
CA HIS B 63 11.40 33.75 -45.92
C HIS B 63 12.44 33.61 -44.83
N GLY B 64 12.03 33.76 -43.57
CA GLY B 64 12.96 33.63 -42.48
C GLY B 64 13.88 32.45 -42.71
N SER B 65 13.32 31.36 -43.22
CA SER B 65 14.07 30.14 -43.48
C SER B 65 15.05 30.30 -44.63
N CYS B 66 14.91 31.38 -45.40
CA CYS B 66 15.78 31.64 -46.52
C CYS B 66 16.89 32.62 -46.12
N VAL B 67 16.67 33.33 -44.99
CA VAL B 67 17.64 34.31 -44.48
C VAL B 67 18.12 34.03 -43.06
N GLY B 68 17.75 32.87 -42.51
CA GLY B 68 18.19 32.52 -41.17
C GLY B 68 17.57 33.30 -40.03
N VAL B 69 16.25 33.44 -40.05
CA VAL B 69 15.54 34.17 -39.01
C VAL B 69 14.35 33.33 -38.57
N GLU B 70 14.37 32.84 -37.33
CA GLU B 70 13.27 32.02 -36.82
C GLU B 70 12.08 32.94 -36.49
N GLU B 71 10.88 32.38 -36.41
CA GLU B 71 9.70 33.19 -36.10
C GLU B 71 9.88 33.89 -34.76
N HIS B 72 10.55 33.21 -33.82
CA HIS B 72 10.73 33.78 -32.51
C HIS B 72 11.70 34.96 -32.52
N HIS B 73 12.46 35.13 -33.60
N HIS B 73 12.46 35.11 -33.61
CA HIS B 73 13.42 36.24 -33.67
CA HIS B 73 13.43 36.20 -33.77
C HIS B 73 12.73 37.52 -34.15
C HIS B 73 12.71 37.49 -34.13
N ALA B 74 11.70 37.35 -34.99
CA ALA B 74 10.95 38.47 -35.49
C ALA B 74 10.62 39.58 -34.50
N VAL B 75 10.18 39.23 -33.31
CA VAL B 75 9.80 40.25 -32.34
C VAL B 75 11.00 40.99 -31.72
N ASP B 76 12.22 40.53 -32.02
CA ASP B 76 13.42 41.17 -31.50
C ASP B 76 13.94 42.17 -32.50
N ILE B 77 13.59 41.95 -33.76
CA ILE B 77 14.01 42.81 -34.85
C ILE B 77 13.14 44.05 -34.99
N ASP B 78 13.77 45.21 -34.92
CA ASP B 78 13.08 46.48 -35.09
C ASP B 78 12.93 46.63 -36.60
N LEU B 79 14.04 46.88 -37.27
CA LEU B 79 14.02 47.01 -38.72
C LEU B 79 14.95 45.96 -39.33
N TYR B 80 14.39 45.09 -40.16
CA TYR B 80 15.18 44.03 -40.76
C TYR B 80 15.98 44.47 -41.96
N HIS B 81 17.24 44.09 -41.99
CA HIS B 81 18.11 44.37 -43.13
C HIS B 81 18.39 43.00 -43.73
N CYS B 82 18.15 42.81 -45.01
CA CYS B 82 18.41 41.50 -45.62
C CYS B 82 19.91 41.37 -45.88
N PRO B 83 20.38 40.14 -46.07
CA PRO B 83 21.80 39.86 -46.33
C PRO B 83 22.53 40.85 -47.21
N ASN B 84 22.02 41.10 -48.41
CA ASN B 84 22.71 42.04 -49.30
C ASN B 84 22.67 43.49 -48.85
N CYS B 85 21.51 43.96 -48.42
CA CYS B 85 21.42 45.34 -47.98
C CYS B 85 22.35 45.55 -46.78
N ALA B 86 22.71 44.45 -46.14
CA ALA B 86 23.57 44.53 -44.98
C ALA B 86 25.03 44.80 -45.26
N VAL B 87 25.54 44.37 -46.40
CA VAL B 87 26.96 44.60 -46.67
C VAL B 87 27.26 46.07 -46.81
N LEU B 88 26.24 46.89 -47.01
CA LEU B 88 26.46 48.31 -47.15
C LEU B 88 25.67 49.14 -46.13
N HIS B 89 24.79 48.50 -45.38
CA HIS B 89 23.98 49.21 -44.39
C HIS B 89 24.10 48.65 -42.98
N GLY B 90 24.88 47.60 -42.81
CA GLY B 90 25.02 47.03 -41.49
C GLY B 90 23.92 46.02 -41.25
N SER B 91 23.90 45.42 -40.07
CA SER B 91 22.89 44.42 -39.75
C SER B 91 21.61 45.08 -39.27
N SER B 92 20.49 44.37 -39.37
CA SER B 92 19.22 44.95 -38.94
C SER B 92 19.32 45.56 -37.54
N LEU B 93 18.44 46.52 -37.25
CA LEU B 93 18.43 47.18 -35.93
C LEU B 93 17.59 46.34 -35.00
N MET B 94 18.11 46.07 -33.81
CA MET B 94 17.38 45.26 -32.85
C MET B 94 16.70 46.12 -31.81
N LYS B 95 15.78 45.52 -31.08
CA LYS B 95 15.08 46.21 -30.02
C LYS B 95 16.01 46.19 -28.81
N LYS B 96 16.04 47.31 -28.09
CA LYS B 96 16.90 47.45 -26.93
C LYS B 96 16.25 46.92 -25.67
N ARG B 97 16.98 46.07 -24.96
CA ARG B 97 16.48 45.50 -23.72
C ARG B 97 16.74 46.51 -22.60
N ARG B 98 15.80 46.63 -21.68
CA ARG B 98 16.00 47.55 -20.56
C ARG B 98 15.41 47.05 -19.24
N ASN B 99 14.75 45.90 -19.27
CA ASN B 99 14.18 45.32 -18.07
C ASN B 99 14.35 43.79 -18.10
N TRP B 100 14.33 43.17 -16.93
CA TRP B 100 14.50 41.73 -16.86
C TRP B 100 13.24 41.02 -16.37
N HIS B 101 12.21 41.80 -16.04
CA HIS B 101 10.98 41.24 -15.48
C HIS B 101 9.70 41.26 -16.31
N ARG B 102 9.76 41.81 -17.51
CA ARG B 102 8.57 41.88 -18.35
C ARG B 102 8.67 41.07 -19.62
N HIS B 103 7.53 40.70 -20.17
CA HIS B 103 7.48 39.93 -21.41
C HIS B 103 8.04 40.81 -22.51
N ASP B 104 7.79 42.10 -22.40
CA ASP B 104 8.31 43.05 -23.37
C ASP B 104 9.56 43.64 -22.75
N TYR B 105 10.72 43.08 -23.08
CA TYR B 105 11.97 43.56 -22.52
C TYR B 105 12.37 44.99 -22.87
N THR B 106 11.49 45.72 -23.57
CA THR B 106 11.78 47.10 -23.93
C THR B 106 11.06 48.08 -23.04
N GLU B 107 10.12 47.58 -22.24
CA GLU B 107 9.38 48.46 -21.36
C GLU B 107 10.40 49.07 -20.42
N ILE B 108 10.23 50.34 -20.08
CA ILE B 108 11.15 50.99 -19.16
C ILE B 108 11.14 50.21 -17.83
N ASP B 109 12.22 50.32 -17.07
CA ASP B 109 12.33 49.59 -15.81
C ASP B 109 12.23 50.43 -14.55
N ASP B 110 11.01 50.69 -14.10
CA ASP B 110 10.74 51.43 -12.86
C ASP B 110 9.67 50.64 -12.13
N GLY B 111 9.65 50.72 -10.80
CA GLY B 111 8.68 49.97 -10.02
C GLY B 111 7.28 49.81 -10.60
N SER B 112 6.94 50.59 -11.62
CA SER B 112 5.63 50.56 -12.27
C SER B 112 4.98 49.17 -12.46
N LYS B 113 5.48 48.40 -13.43
CA LYS B 113 4.92 47.09 -13.73
C LYS B 113 5.42 45.91 -12.89
N PRO B 114 4.57 44.87 -12.70
CA PRO B 114 4.84 43.64 -11.93
C PRO B 114 5.59 42.57 -12.75
N VAL B 115 6.31 41.70 -12.05
CA VAL B 115 7.07 40.64 -12.70
C VAL B 115 6.14 39.73 -13.47
N GLN B 116 6.55 39.34 -14.68
CA GLN B 116 5.72 38.43 -15.49
C GLN B 116 6.33 37.04 -15.61
N ALA B 117 5.48 36.03 -15.72
CA ALA B 117 5.91 34.63 -15.79
C ALA B 117 6.86 34.28 -16.94
N GLY B 118 7.96 33.61 -16.58
CA GLY B 118 8.93 33.18 -17.57
C GLY B 118 10.14 34.05 -17.73
N THR B 119 10.07 35.28 -17.24
CA THR B 119 11.17 36.24 -17.33
C THR B 119 12.35 35.81 -16.49
N ARG B 120 13.49 36.48 -16.69
CA ARG B 120 14.68 36.12 -15.93
C ARG B 120 14.45 36.38 -14.46
N THR B 121 13.84 37.52 -14.16
CA THR B 121 13.55 37.88 -12.78
C THR B 121 12.53 36.93 -12.15
N PHE B 122 11.62 36.42 -12.97
CA PHE B 122 10.60 35.49 -12.50
C PHE B 122 11.27 34.24 -11.98
N ILE B 123 12.03 33.59 -12.86
CA ILE B 123 12.73 32.36 -12.48
C ILE B 123 13.53 32.58 -11.21
N LYS B 124 14.25 33.70 -11.14
CA LYS B 124 15.05 34.00 -9.96
C LYS B 124 14.21 33.90 -8.71
N GLU B 125 13.03 34.49 -8.76
CA GLU B 125 12.11 34.47 -7.63
C GLU B 125 11.56 33.06 -7.44
N LEU B 126 11.16 32.41 -8.51
CA LEU B 126 10.61 31.07 -8.38
C LEU B 126 11.59 30.13 -7.69
N ARG B 127 12.87 30.28 -8.01
CA ARG B 127 13.89 29.42 -7.41
C ARG B 127 14.05 29.63 -5.92
N SER B 128 13.95 30.88 -5.48
CA SER B 128 14.11 31.21 -4.07
C SER B 128 12.83 31.08 -3.21
N ARG B 129 11.69 30.81 -3.83
CA ARG B 129 10.45 30.64 -3.06
C ARG B 129 10.56 29.40 -2.19
N VAL B 130 9.73 29.31 -1.16
CA VAL B 130 9.74 28.16 -0.28
C VAL B 130 8.40 27.48 -0.44
N PHE B 131 8.42 26.16 -0.67
CA PHE B 131 7.21 25.38 -0.85
C PHE B 131 7.15 24.13 0.02
N PRO B 132 5.94 23.71 0.41
CA PRO B 132 5.83 22.50 1.22
C PRO B 132 6.21 21.33 0.31
N SER B 133 7.12 20.47 0.74
CA SER B 133 7.53 19.35 -0.10
C SER B 133 6.39 18.43 -0.53
N ALA B 134 6.52 17.88 -1.73
CA ALA B 134 5.52 16.96 -2.27
C ALA B 134 5.55 15.63 -1.53
N ASP B 135 6.60 15.41 -0.71
CA ASP B 135 6.71 14.17 0.05
C ASP B 135 5.45 14.03 0.87
N GLU B 136 4.94 15.17 1.31
CA GLU B 136 3.73 15.24 2.11
C GLU B 136 2.48 14.62 1.48
N ILE B 137 2.39 14.60 0.15
CA ILE B 137 1.19 14.06 -0.50
C ILE B 137 1.36 12.94 -1.54
N ILE B 138 2.47 12.93 -2.26
CA ILE B 138 2.67 11.92 -3.28
C ILE B 138 2.94 10.55 -2.69
N ILE B 139 2.59 9.53 -3.48
CA ILE B 139 2.79 8.16 -3.07
C ILE B 139 3.92 7.55 -3.89
N LYS B 140 4.89 6.95 -3.19
CA LYS B 140 6.01 6.31 -3.86
C LYS B 140 5.75 4.80 -3.85
N MET B 141 6.14 4.11 -4.90
CA MET B 141 5.92 2.67 -4.96
C MET B 141 6.71 1.98 -6.05
N HIS B 142 6.66 0.67 -6.05
CA HIS B 142 7.39 -0.12 -7.03
C HIS B 142 6.50 -0.37 -8.22
N GLY B 143 7.10 -0.38 -9.39
CA GLY B 143 6.34 -0.63 -10.61
C GLY B 143 5.40 -1.82 -10.48
N SER B 144 5.92 -2.90 -9.92
CA SER B 144 5.14 -4.11 -9.75
C SER B 144 3.86 -3.89 -8.94
N GLN B 145 3.79 -2.81 -8.18
CA GLN B 145 2.61 -2.51 -7.37
C GLN B 145 1.55 -1.69 -8.10
N LEU B 146 1.99 -0.80 -8.99
CA LEU B 146 1.08 0.08 -9.74
C LEU B 146 0.20 -0.68 -10.73
N THR B 147 -0.99 -1.08 -10.27
CA THR B 147 -1.95 -1.84 -11.10
C THR B 147 -3.36 -1.29 -11.05
N GLN B 148 -4.17 -1.66 -12.03
CA GLN B 148 -5.56 -1.21 -12.08
C GLN B 148 -6.26 -1.56 -10.79
N ARG B 149 -6.06 -2.80 -10.34
CA ARG B 149 -6.63 -3.27 -9.09
C ARG B 149 -6.26 -2.35 -7.94
N TYR B 150 -4.97 -2.02 -7.84
CA TYR B 150 -4.48 -1.13 -6.78
C TYR B 150 -5.19 0.21 -6.79
N LEU B 151 -5.36 0.78 -7.98
CA LEU B 151 -6.00 2.08 -8.10
C LEU B 151 -7.49 2.03 -7.80
N GLU B 152 -8.10 0.87 -8.04
CA GLU B 152 -9.52 0.69 -7.78
C GLU B 152 -9.85 0.80 -6.29
N LYS B 153 -9.06 0.12 -5.45
CA LYS B 153 -9.29 0.17 -4.01
C LYS B 153 -8.84 1.48 -3.38
N HIS B 154 -7.60 1.89 -3.64
CA HIS B 154 -7.05 3.11 -3.08
C HIS B 154 -7.40 4.38 -3.85
N GLY B 155 -7.87 4.22 -5.09
CA GLY B 155 -8.22 5.38 -5.88
C GLY B 155 -7.06 5.86 -6.73
N PHE B 156 -7.14 7.09 -7.19
CA PHE B 156 -6.11 7.71 -8.01
C PHE B 156 -6.38 9.21 -8.04
N ASP B 157 -6.00 9.89 -6.97
CA ASP B 157 -6.24 11.32 -6.85
C ASP B 157 -5.08 12.12 -6.22
N VAL B 158 -3.89 11.55 -6.28
CA VAL B 158 -2.69 12.22 -5.79
C VAL B 158 -1.59 11.66 -6.68
N PRO B 159 -0.54 12.45 -6.94
CA PRO B 159 0.58 12.05 -7.79
C PRO B 159 1.30 10.83 -7.23
N ILE B 160 1.82 9.99 -8.12
CA ILE B 160 2.55 8.79 -7.73
C ILE B 160 3.97 8.88 -8.30
N MET B 161 4.95 8.43 -7.53
CA MET B 161 6.35 8.47 -7.95
C MET B 161 6.97 7.07 -7.99
N VAL B 162 7.63 6.72 -9.09
CA VAL B 162 8.26 5.41 -9.22
C VAL B 162 9.74 5.55 -9.59
N PRO B 163 10.62 5.57 -8.60
CA PRO B 163 12.07 5.72 -8.73
C PRO B 163 12.78 4.66 -9.55
N LYS B 164 12.05 3.67 -10.03
CA LYS B 164 12.68 2.59 -10.80
C LYS B 164 11.79 2.14 -11.95
N LEU B 165 12.41 1.87 -13.10
CA LEU B 165 11.64 1.43 -14.25
C LEU B 165 11.11 0.01 -14.07
N ASP B 166 11.71 -0.72 -13.14
CA ASP B 166 11.34 -2.11 -12.86
C ASP B 166 9.86 -2.36 -12.77
N ASP B 167 9.40 -3.29 -13.60
CA ASP B 167 8.00 -3.69 -13.65
C ASP B 167 7.00 -2.61 -14.09
N LEU B 168 7.47 -1.51 -14.67
CA LEU B 168 6.55 -0.47 -15.13
C LEU B 168 6.03 -0.78 -16.52
N GLY B 169 6.79 -1.57 -17.27
CA GLY B 169 6.39 -1.90 -18.62
C GLY B 169 6.76 -0.76 -19.55
N LEU B 170 7.41 0.26 -18.98
CA LEU B 170 7.83 1.45 -19.70
C LEU B 170 9.21 1.26 -20.33
N ARG B 171 9.24 1.16 -21.66
CA ARG B 171 10.49 1.01 -22.38
C ARG B 171 10.89 2.36 -22.97
N LEU B 172 12.14 2.75 -22.72
CA LEU B 172 12.65 4.02 -23.22
C LEU B 172 14.02 3.79 -23.82
N PRO B 173 14.54 4.78 -24.55
CA PRO B 173 15.87 4.58 -25.14
C PRO B 173 16.94 4.72 -24.06
N SER B 174 18.11 4.15 -24.33
CA SER B 174 19.23 4.21 -23.39
C SER B 174 19.39 5.59 -22.80
N PRO B 175 19.85 5.68 -21.54
CA PRO B 175 20.03 6.98 -20.90
C PRO B 175 21.07 7.86 -21.59
N THR B 176 21.55 7.43 -22.76
CA THR B 176 22.54 8.20 -23.49
C THR B 176 21.92 8.88 -24.72
N PHE B 177 20.62 8.65 -24.92
CA PHE B 177 19.90 9.22 -26.04
C PHE B 177 20.00 10.74 -25.94
N SER B 178 20.62 11.37 -26.94
CA SER B 178 20.79 12.83 -26.96
C SER B 178 19.79 13.55 -27.87
N VAL B 179 19.80 14.87 -27.82
CA VAL B 179 18.90 15.63 -28.68
C VAL B 179 19.32 15.38 -30.12
N MET B 180 20.56 14.95 -30.31
CA MET B 180 21.02 14.67 -31.65
C MET B 180 20.33 13.42 -32.16
N ASP B 181 20.18 12.43 -31.29
CA ASP B 181 19.52 11.17 -31.67
C ASP B 181 18.07 11.45 -32.04
N VAL B 182 17.40 12.27 -31.22
CA VAL B 182 16.02 12.60 -31.51
C VAL B 182 15.94 13.01 -32.97
N GLU B 183 16.80 13.93 -33.38
CA GLU B 183 16.78 14.38 -34.77
C GLU B 183 16.95 13.20 -35.73
N ARG B 184 17.92 12.35 -35.44
CA ARG B 184 18.18 11.21 -36.29
C ARG B 184 16.94 10.36 -36.51
N TYR B 185 16.19 10.09 -35.46
CA TYR B 185 14.98 9.28 -35.60
C TYR B 185 13.77 10.05 -36.11
N VAL B 186 13.54 11.25 -35.58
CA VAL B 186 12.39 12.03 -36.02
C VAL B 186 12.55 12.71 -37.37
N GLY B 187 13.75 13.22 -37.65
CA GLY B 187 13.98 13.91 -38.90
C GLY B 187 14.14 15.40 -38.66
N GLY B 188 15.27 15.95 -39.12
CA GLY B 188 15.58 17.36 -38.92
C GLY B 188 14.64 18.39 -39.51
N ASP B 189 13.89 18.01 -40.53
CA ASP B 189 12.98 18.95 -41.16
C ASP B 189 11.56 18.89 -40.66
N LYS B 190 11.32 18.15 -39.58
CA LYS B 190 9.96 18.10 -39.06
C LYS B 190 9.73 19.39 -38.31
N VAL B 191 8.58 19.99 -38.52
CA VAL B 191 8.24 21.22 -37.84
C VAL B 191 7.74 20.90 -36.44
N ILE B 192 8.13 21.71 -35.47
CA ILE B 192 7.69 21.50 -34.09
C ILE B 192 7.33 22.81 -33.43
N ASP B 193 6.56 22.74 -32.36
CA ASP B 193 6.18 23.94 -31.67
C ASP B 193 7.20 24.26 -30.61
N VAL B 194 7.70 25.49 -30.63
CA VAL B 194 8.71 25.94 -29.68
C VAL B 194 8.08 27.04 -28.84
N ILE B 195 8.67 27.33 -27.69
CA ILE B 195 8.14 28.37 -26.83
C ILE B 195 9.23 29.33 -26.37
N ASP B 196 8.99 30.62 -26.62
CA ASP B 196 9.91 31.68 -26.20
C ASP B 196 9.50 31.95 -24.77
N VAL B 197 9.98 31.12 -23.85
CA VAL B 197 9.67 31.18 -22.42
C VAL B 197 9.59 32.53 -21.71
N ALA B 198 10.53 33.42 -22.00
CA ALA B 198 10.54 34.73 -21.35
C ALA B 198 9.50 35.66 -21.95
N ARG B 199 8.57 35.11 -22.72
CA ARG B 199 7.51 35.90 -23.34
C ARG B 199 6.24 35.10 -23.52
N GLN B 200 6.23 33.88 -22.97
CA GLN B 200 5.07 32.99 -23.05
C GLN B 200 4.44 32.93 -24.46
N ALA B 201 5.26 32.73 -25.49
CA ALA B 201 4.72 32.67 -26.86
C ALA B 201 5.19 31.50 -27.70
N ASP B 202 4.24 30.83 -28.34
CA ASP B 202 4.52 29.70 -29.21
C ASP B 202 5.12 30.20 -30.51
N SER B 203 5.91 29.36 -31.14
CA SER B 203 6.54 29.70 -32.41
C SER B 203 6.68 28.39 -33.16
N LYS B 204 7.25 28.45 -34.34
CA LYS B 204 7.44 27.25 -35.13
C LYS B 204 8.90 27.16 -35.53
N MET B 205 9.47 25.96 -35.44
CA MET B 205 10.86 25.75 -35.80
C MET B 205 11.02 24.35 -36.34
N THR B 206 12.11 24.09 -37.04
CA THR B 206 12.38 22.75 -37.55
C THR B 206 13.19 22.09 -36.45
N LEU B 207 13.01 20.79 -36.27
CA LEU B 207 13.75 20.06 -35.25
C LEU B 207 15.22 20.37 -35.39
N HIS B 208 15.74 20.22 -36.61
CA HIS B 208 17.15 20.47 -36.91
C HIS B 208 17.65 21.79 -36.34
N ASN B 209 16.86 22.83 -36.52
CA ASN B 209 17.23 24.15 -36.03
C ASN B 209 17.14 24.26 -34.53
N TYR B 210 16.23 23.50 -33.94
CA TYR B 210 16.09 23.54 -32.50
C TYR B 210 17.26 22.82 -31.86
N VAL B 211 17.61 21.65 -32.40
CA VAL B 211 18.73 20.88 -31.89
C VAL B 211 19.98 21.72 -31.98
N LYS B 212 20.10 22.44 -33.10
CA LYS B 212 21.24 23.29 -33.35
C LYS B 212 21.29 24.32 -32.23
N TYR B 213 20.11 24.79 -31.82
CA TYR B 213 20.01 25.75 -30.74
C TYR B 213 20.45 25.09 -29.45
N PHE B 214 19.70 24.09 -29.02
CA PHE B 214 19.98 23.36 -27.79
C PHE B 214 21.42 22.92 -27.70
N MET B 215 21.97 22.48 -28.81
CA MET B 215 23.35 22.00 -28.90
C MET B 215 24.37 23.07 -28.51
N ASN B 216 24.16 24.29 -29.00
CA ASN B 216 25.04 25.40 -28.70
C ASN B 216 24.90 25.66 -27.21
N PRO B 217 25.99 25.53 -26.44
CA PRO B 217 25.88 25.76 -24.99
C PRO B 217 25.58 27.22 -24.63
N ASN B 218 25.69 28.11 -25.61
CA ASN B 218 25.44 29.52 -25.36
C ASN B 218 24.09 29.98 -25.92
N ARG B 219 23.06 29.87 -25.09
CA ARG B 219 21.70 30.24 -25.46
C ARG B 219 21.35 31.71 -25.33
N PRO B 220 21.20 32.42 -26.44
CA PRO B 220 20.85 33.83 -26.38
C PRO B 220 19.43 34.05 -25.88
N LYS B 221 18.70 32.96 -25.71
CA LYS B 221 17.30 33.04 -25.28
C LYS B 221 16.82 31.66 -24.81
N VAL B 222 15.84 31.63 -23.91
CA VAL B 222 15.33 30.34 -23.41
C VAL B 222 14.20 29.77 -24.26
N LEU B 223 14.48 28.70 -24.98
CA LEU B 223 13.45 28.09 -25.80
C LEU B 223 13.10 26.73 -25.22
N ASN B 224 11.82 26.35 -25.32
CA ASN B 224 11.39 25.09 -24.75
C ASN B 224 10.33 24.36 -25.55
N VAL B 225 10.63 23.12 -25.95
CA VAL B 225 9.72 22.29 -26.73
C VAL B 225 8.94 21.34 -25.85
N ILE B 226 7.61 21.41 -25.86
CA ILE B 226 6.84 20.51 -25.01
C ILE B 226 5.73 19.69 -25.66
N SER B 227 5.54 19.85 -26.97
CA SER B 227 4.48 19.11 -27.65
C SER B 227 4.89 18.29 -28.87
N LEU B 228 6.07 17.68 -28.81
CA LEU B 228 6.54 16.86 -29.91
C LEU B 228 6.09 15.41 -29.76
N GLU B 229 4.93 15.08 -30.32
CA GLU B 229 4.38 13.73 -30.23
C GLU B 229 4.94 12.92 -31.39
N PHE B 230 5.76 11.93 -31.07
CA PHE B 230 6.44 11.11 -32.06
C PHE B 230 5.84 9.75 -32.42
N SER B 231 4.57 9.54 -32.09
CA SER B 231 3.90 8.28 -32.38
C SER B 231 3.92 7.84 -33.83
N ASP B 232 4.09 8.79 -34.74
CA ASP B 232 4.10 8.47 -36.15
C ASP B 232 5.47 8.61 -36.76
N THR B 233 6.51 8.59 -35.92
CA THR B 233 7.87 8.71 -36.41
C THR B 233 8.65 7.46 -36.12
N LYS B 234 9.74 7.28 -36.85
CA LYS B 234 10.60 6.12 -36.67
C LYS B 234 10.99 5.97 -35.21
N MET B 235 10.88 7.06 -34.45
CA MET B 235 11.24 7.06 -33.03
C MET B 235 10.22 6.38 -32.13
N SER B 236 9.02 6.16 -32.65
CA SER B 236 7.98 5.52 -31.87
C SER B 236 8.42 4.12 -31.42
N GLU B 237 9.25 3.47 -32.22
CA GLU B 237 9.74 2.14 -31.92
C GLU B 237 10.49 2.08 -30.60
N LEU B 238 11.19 3.17 -30.28
CA LEU B 238 11.99 3.22 -29.06
C LEU B 238 11.21 3.37 -27.78
N VAL B 239 9.99 3.87 -27.85
CA VAL B 239 9.23 4.04 -26.63
C VAL B 239 8.00 3.17 -26.53
N GLU B 240 7.65 2.85 -25.29
CA GLU B 240 6.49 2.04 -24.97
C GLU B 240 6.00 2.56 -23.62
N VAL B 241 4.81 3.14 -23.61
CA VAL B 241 4.26 3.72 -22.39
C VAL B 241 4.08 2.72 -21.28
N PRO B 242 3.92 3.20 -20.04
CA PRO B 242 3.74 2.33 -18.88
C PRO B 242 2.53 1.42 -19.05
N ASP B 243 2.61 0.21 -18.47
CA ASP B 243 1.50 -0.74 -18.56
C ASP B 243 0.25 -0.18 -17.91
N ILE B 244 0.41 0.51 -16.80
CA ILE B 244 -0.72 1.09 -16.09
C ILE B 244 -1.40 2.11 -16.99
N ALA B 245 -0.61 2.81 -17.78
CA ALA B 245 -1.15 3.82 -18.69
C ALA B 245 -1.91 3.15 -19.81
N LYS B 246 -1.31 2.11 -20.38
CA LYS B 246 -1.92 1.39 -21.47
C LYS B 246 -3.15 0.65 -20.98
N LYS B 247 -3.15 0.26 -19.71
CA LYS B 247 -4.26 -0.48 -19.11
C LYS B 247 -5.50 0.35 -18.80
N LEU B 248 -5.30 1.60 -18.37
CA LEU B 248 -6.42 2.48 -18.04
C LEU B 248 -6.88 3.37 -19.20
N SER B 249 -6.06 3.50 -20.24
CA SER B 249 -6.40 4.35 -21.37
C SER B 249 -7.74 4.02 -22.00
N TRP B 250 -8.50 5.07 -22.35
CA TRP B 250 -9.80 4.89 -22.98
C TRP B 250 -9.57 4.54 -24.44
N VAL B 251 -8.63 5.24 -25.07
CA VAL B 251 -8.34 5.00 -26.46
C VAL B 251 -7.85 3.57 -26.67
N GLU B 252 -6.91 3.13 -25.84
CA GLU B 252 -6.39 1.77 -25.97
C GLU B 252 -7.49 0.73 -25.88
N ASN B 253 -8.37 0.90 -24.91
CA ASN B 253 -9.48 -0.02 -24.66
C ASN B 253 -10.76 0.13 -25.50
N TYR B 254 -11.14 1.38 -25.83
CA TYR B 254 -12.38 1.60 -26.56
C TYR B 254 -12.41 2.26 -27.95
N TRP B 255 -11.29 2.76 -28.45
CA TRP B 255 -11.34 3.39 -29.77
C TRP B 255 -11.26 2.39 -30.92
N PRO B 256 -12.37 2.25 -31.66
CA PRO B 256 -12.53 1.35 -32.81
C PRO B 256 -11.42 1.45 -33.84
N ASP B 257 -11.01 0.29 -34.35
CA ASP B 257 -9.99 0.24 -35.39
C ASP B 257 -10.57 0.87 -36.66
N ASP B 258 -11.88 0.72 -36.81
CA ASP B 258 -12.62 1.20 -37.97
C ASP B 258 -13.17 2.62 -37.81
N SER B 259 -13.03 3.20 -36.62
CA SER B 259 -13.57 4.54 -36.42
C SER B 259 -13.26 5.43 -37.60
N VAL B 260 -14.27 6.16 -38.05
CA VAL B 260 -14.10 7.06 -39.18
C VAL B 260 -13.12 8.17 -38.78
N PHE B 261 -13.23 8.62 -37.54
CA PHE B 261 -12.34 9.67 -37.02
C PHE B 261 -10.96 9.09 -36.79
N PRO B 262 -9.91 9.89 -37.01
CA PRO B 262 -8.54 9.41 -36.80
C PRO B 262 -8.27 9.19 -35.30
N LYS B 263 -7.78 8.01 -34.94
CA LYS B 263 -7.50 7.71 -33.54
C LYS B 263 -6.60 8.79 -32.94
N PRO B 264 -7.00 9.33 -31.78
CA PRO B 264 -6.21 10.37 -31.14
C PRO B 264 -4.86 9.86 -30.61
N PHE B 265 -3.77 10.45 -31.10
CA PHE B 265 -2.43 10.08 -30.67
C PHE B 265 -1.88 11.12 -29.71
N VAL B 266 -1.84 10.76 -28.43
CA VAL B 266 -1.36 11.66 -27.40
C VAL B 266 -0.66 10.86 -26.31
N GLN B 267 -0.03 9.76 -26.68
CA GLN B 267 0.65 8.93 -25.69
C GLN B 267 2.17 8.87 -25.80
N LYS B 268 2.74 9.59 -26.76
CA LYS B 268 4.18 9.59 -26.93
C LYS B 268 4.68 10.98 -27.22
N TYR B 269 5.14 11.65 -26.18
CA TYR B 269 5.69 12.99 -26.31
C TYR B 269 7.16 13.01 -25.93
N CYS B 270 7.93 13.84 -26.63
CA CYS B 270 9.32 14.00 -26.33
C CYS B 270 9.48 15.45 -25.93
N LEU B 271 9.81 15.69 -24.67
CA LEU B 271 9.95 17.04 -24.15
C LEU B 271 11.42 17.40 -23.97
N MET B 272 11.82 18.53 -24.56
CA MET B 272 13.20 19.01 -24.47
C MET B 272 13.17 20.48 -24.08
N GLY B 273 13.98 20.85 -23.10
CA GLY B 273 13.98 22.23 -22.67
C GLY B 273 15.29 22.59 -22.02
N VAL B 274 15.76 23.79 -22.29
CA VAL B 274 17.01 24.24 -21.72
C VAL B 274 16.72 24.72 -20.30
N GLN B 275 17.77 24.91 -19.52
CA GLN B 275 17.63 25.38 -18.15
C GLN B 275 16.80 26.63 -18.08
N ASP B 276 15.95 26.72 -17.05
CA ASP B 276 15.08 27.88 -16.83
C ASP B 276 13.87 27.95 -17.72
N SER B 277 13.51 26.84 -18.35
CA SER B 277 12.32 26.81 -19.18
C SER B 277 11.22 26.72 -18.13
N TYR B 278 10.09 27.38 -18.38
CA TYR B 278 9.01 27.36 -17.41
C TYR B 278 7.65 27.24 -18.05
N THR B 279 6.83 26.33 -17.56
CA THR B 279 5.48 26.18 -18.06
C THR B 279 4.56 26.54 -16.92
N ASP B 280 3.69 27.52 -17.16
CA ASP B 280 2.78 28.01 -16.15
C ASP B 280 1.70 27.02 -15.78
N PHE B 281 1.15 27.23 -14.59
CA PHE B 281 0.09 26.40 -14.07
C PHE B 281 -1.01 26.18 -15.10
N HIS B 282 -1.41 24.92 -15.23
CA HIS B 282 -2.45 24.54 -16.17
C HIS B 282 -3.03 23.20 -15.70
N ILE B 283 -3.96 22.66 -16.50
CA ILE B 283 -4.58 21.37 -16.25
C ILE B 283 -4.51 20.68 -17.59
N ASP B 284 -3.93 19.49 -17.63
CA ASP B 284 -3.80 18.80 -18.91
C ASP B 284 -5.10 18.72 -19.69
N PHE B 285 -4.96 18.87 -21.00
CA PHE B 285 -6.11 18.86 -21.88
C PHE B 285 -7.01 17.66 -21.68
N GLY B 286 -8.31 17.94 -21.60
CA GLY B 286 -9.29 16.89 -21.40
C GLY B 286 -9.28 16.34 -19.99
N GLY B 287 -8.60 17.04 -19.09
CA GLY B 287 -8.53 16.57 -17.72
C GLY B 287 -7.86 15.20 -17.71
N THR B 288 -6.98 14.99 -18.68
CA THR B 288 -6.27 13.72 -18.80
C THR B 288 -5.27 13.50 -17.68
N SER B 289 -4.90 12.24 -17.53
CA SER B 289 -3.90 11.83 -16.56
C SER B 289 -2.63 11.73 -17.38
N VAL B 290 -1.49 11.95 -16.74
CA VAL B 290 -0.24 11.91 -17.47
C VAL B 290 0.89 11.25 -16.72
N TRP B 291 1.79 10.62 -17.48
CA TRP B 291 2.96 9.98 -16.91
C TRP B 291 4.17 10.72 -17.47
N TYR B 292 5.11 11.01 -16.59
N TYR B 292 5.11 11.04 -16.60
CA TYR B 292 6.31 11.75 -16.94
CA TYR B 292 6.32 11.75 -17.00
C TYR B 292 7.56 10.97 -16.53
C TYR B 292 7.54 10.96 -16.56
N HIS B 293 8.58 10.96 -17.40
CA HIS B 293 9.82 10.26 -17.09
C HIS B 293 10.99 11.08 -17.58
N VAL B 294 11.92 11.39 -16.69
CA VAL B 294 13.08 12.18 -17.06
C VAL B 294 14.26 11.31 -17.49
N LEU B 295 14.68 11.44 -18.75
CA LEU B 295 15.82 10.66 -19.24
C LEU B 295 17.10 11.26 -18.65
N TRP B 296 17.28 12.57 -18.87
CA TRP B 296 18.43 13.29 -18.31
C TRP B 296 18.11 14.75 -18.04
N GLY B 297 18.50 15.25 -16.88
CA GLY B 297 18.24 16.62 -16.51
C GLY B 297 17.46 16.63 -15.20
N GLU B 298 16.63 17.64 -15.00
CA GLU B 298 15.85 17.73 -13.78
C GLU B 298 14.64 18.63 -13.97
N LYS B 299 13.46 18.12 -13.68
CA LYS B 299 12.23 18.91 -13.78
C LYS B 299 11.71 19.13 -12.38
N ILE B 300 11.07 20.27 -12.15
CA ILE B 300 10.49 20.55 -10.84
C ILE B 300 9.02 20.85 -11.06
N PHE B 301 8.14 20.02 -10.50
CA PHE B 301 6.71 20.24 -10.64
C PHE B 301 6.16 21.01 -9.46
N TYR B 302 5.21 21.88 -9.75
CA TYR B 302 4.55 22.68 -8.73
C TYR B 302 3.10 22.26 -8.75
N LEU B 303 2.80 21.29 -7.88
CA LEU B 303 1.47 20.68 -7.78
C LEU B 303 0.46 21.36 -6.85
N ILE B 304 -0.80 21.33 -7.28
CA ILE B 304 -1.92 21.92 -6.54
C ILE B 304 -3.11 20.97 -6.67
N LYS B 305 -3.67 20.54 -5.54
CA LYS B 305 -4.80 19.61 -5.53
C LYS B 305 -6.05 20.19 -6.18
N PRO B 306 -6.73 19.40 -7.01
CA PRO B 306 -7.94 19.83 -7.70
C PRO B 306 -9.18 19.81 -6.83
N THR B 307 -9.15 20.57 -5.74
CA THR B 307 -10.30 20.68 -4.85
C THR B 307 -11.24 21.62 -5.58
N ASP B 308 -12.44 21.82 -5.06
CA ASP B 308 -13.37 22.72 -5.72
C ASP B 308 -12.89 24.16 -5.62
N GLU B 309 -12.48 24.57 -4.43
CA GLU B 309 -11.97 25.92 -4.19
C GLU B 309 -10.90 26.24 -5.22
N ASN B 310 -9.87 25.41 -5.24
CA ASN B 310 -8.77 25.62 -6.16
C ASN B 310 -9.19 25.55 -7.62
N LEU B 311 -10.07 24.60 -7.95
CA LEU B 311 -10.53 24.48 -9.33
C LEU B 311 -11.21 25.77 -9.77
N ALA B 312 -11.92 26.41 -8.86
CA ALA B 312 -12.62 27.66 -9.16
C ALA B 312 -11.61 28.78 -9.29
N ARG B 313 -10.75 28.92 -8.28
CA ARG B 313 -9.73 29.94 -8.29
C ARG B 313 -8.92 29.84 -9.56
N TYR B 314 -8.57 28.61 -9.93
CA TYR B 314 -7.82 28.39 -11.16
C TYR B 314 -8.60 28.92 -12.35
N GLU B 315 -9.82 28.39 -12.53
CA GLU B 315 -10.64 28.84 -13.66
C GLU B 315 -10.69 30.35 -13.69
N SER B 316 -10.78 30.96 -12.51
CA SER B 316 -10.84 32.41 -12.42
C SER B 316 -9.55 33.04 -12.93
N TRP B 317 -8.44 32.64 -12.33
CA TRP B 317 -7.12 33.13 -12.68
C TRP B 317 -6.78 32.93 -14.18
N SER B 318 -7.22 31.81 -14.76
CA SER B 318 -6.95 31.52 -16.18
C SER B 318 -7.47 32.58 -17.12
N SER B 319 -8.64 33.15 -16.78
CA SER B 319 -9.25 34.17 -17.61
C SER B 319 -8.93 35.56 -17.07
N SER B 320 -8.16 35.61 -15.99
CA SER B 320 -7.76 36.86 -15.38
C SER B 320 -6.95 37.69 -16.37
N VAL B 321 -7.07 39.01 -16.26
CA VAL B 321 -6.35 39.93 -17.14
C VAL B 321 -4.92 40.10 -16.65
N THR B 322 -4.69 39.85 -15.38
CA THR B 322 -3.35 39.98 -14.83
C THR B 322 -2.70 38.60 -14.62
N GLN B 323 -3.28 37.59 -15.26
CA GLN B 323 -2.80 36.22 -15.15
C GLN B 323 -1.27 36.08 -15.14
N SER B 324 -0.63 36.65 -16.15
CA SER B 324 0.81 36.60 -16.29
C SER B 324 1.60 37.25 -15.16
N GLU B 325 0.93 38.10 -14.39
CA GLU B 325 1.59 38.82 -13.30
C GLU B 325 1.33 38.22 -11.93
N VAL B 326 0.59 37.12 -11.91
CA VAL B 326 0.25 36.49 -10.65
C VAL B 326 0.63 35.03 -10.56
N PHE B 327 1.43 34.69 -9.55
CA PHE B 327 1.84 33.32 -9.34
C PHE B 327 0.67 32.59 -8.69
N PHE B 328 0.00 31.75 -9.46
CA PHE B 328 -1.16 31.04 -8.95
C PHE B 328 -0.87 30.28 -7.67
N GLY B 329 0.41 30.02 -7.42
CA GLY B 329 0.79 29.32 -6.21
C GLY B 329 0.40 30.10 -4.99
N ASP B 330 0.32 31.41 -5.12
CA ASP B 330 -0.04 32.28 -4.00
C ASP B 330 -1.54 32.34 -3.78
N LYS B 331 -2.31 32.03 -4.81
CA LYS B 331 -3.76 32.07 -4.70
C LYS B 331 -4.39 30.84 -4.04
N VAL B 332 -3.59 29.82 -3.73
CA VAL B 332 -4.14 28.63 -3.09
C VAL B 332 -3.47 28.32 -1.76
N ASP B 333 -4.11 27.45 -0.98
CA ASP B 333 -3.60 27.06 0.34
C ASP B 333 -2.23 26.42 0.30
N LYS B 334 -2.10 25.37 -0.51
CA LYS B 334 -0.83 24.66 -0.62
C LYS B 334 -0.40 24.29 -2.03
N CYS B 335 0.84 24.64 -2.37
CA CYS B 335 1.41 24.33 -3.68
C CYS B 335 2.65 23.52 -3.39
N TYR B 336 2.56 22.22 -3.65
CA TYR B 336 3.66 21.29 -3.39
C TYR B 336 4.78 21.27 -4.43
N LYS B 337 6.01 21.40 -3.97
CA LYS B 337 7.17 21.37 -4.86
C LYS B 337 7.64 19.92 -4.97
N CYS B 338 7.70 19.41 -6.19
CA CYS B 338 8.13 18.03 -6.42
C CYS B 338 9.31 17.98 -7.40
N VAL B 339 10.45 17.45 -6.95
CA VAL B 339 11.62 17.38 -7.81
C VAL B 339 11.72 16.02 -8.48
N VAL B 340 11.81 16.03 -9.80
CA VAL B 340 11.91 14.77 -10.52
C VAL B 340 13.30 14.63 -11.10
N LYS B 341 14.20 13.99 -10.36
CA LYS B 341 15.57 13.77 -10.79
C LYS B 341 15.51 12.82 -11.98
N GLN B 342 16.60 12.71 -12.73
CA GLN B 342 16.59 11.83 -13.89
C GLN B 342 16.45 10.37 -13.51
N GLY B 343 15.71 9.63 -14.33
CA GLY B 343 15.51 8.22 -14.09
C GLY B 343 14.20 7.95 -13.36
N HIS B 344 13.66 8.97 -12.71
CA HIS B 344 12.41 8.81 -11.99
C HIS B 344 11.21 8.92 -12.89
N THR B 345 10.06 8.43 -12.43
CA THR B 345 8.84 8.47 -13.23
C THR B 345 7.71 9.03 -12.39
N LEU B 346 6.98 10.02 -12.89
CA LEU B 346 5.88 10.60 -12.14
C LEU B 346 4.54 10.44 -12.85
N PHE B 347 3.51 10.05 -12.10
CA PHE B 347 2.16 9.91 -12.64
C PHE B 347 1.28 10.94 -11.96
N VAL B 348 0.73 11.87 -12.72
CA VAL B 348 -0.15 12.88 -12.15
C VAL B 348 -1.58 12.58 -12.59
N PRO B 349 -2.48 12.40 -11.61
CA PRO B 349 -3.88 12.09 -11.85
C PRO B 349 -4.74 13.19 -12.45
N THR B 350 -5.99 12.84 -12.68
CA THR B 350 -6.98 13.73 -13.26
C THR B 350 -7.18 15.04 -12.50
N GLY B 351 -7.15 16.14 -13.24
CA GLY B 351 -7.42 17.44 -12.68
C GLY B 351 -6.39 18.25 -11.92
N TRP B 352 -5.25 17.66 -11.58
CA TRP B 352 -4.26 18.45 -10.85
C TRP B 352 -3.71 19.64 -11.62
N ILE B 353 -3.63 20.75 -10.91
CA ILE B 353 -3.13 22.00 -11.44
C ILE B 353 -1.63 22.03 -11.23
N HIS B 354 -0.86 21.94 -12.31
CA HIS B 354 0.60 21.96 -12.16
C HIS B 354 1.35 22.96 -13.02
N ALA B 355 2.55 23.31 -12.56
CA ALA B 355 3.44 24.24 -13.24
C ALA B 355 4.79 23.53 -13.24
N VAL B 356 5.56 23.71 -14.30
CA VAL B 356 6.85 23.05 -14.36
C VAL B 356 7.99 23.99 -14.59
N LEU B 357 9.10 23.72 -13.91
CA LEU B 357 10.31 24.50 -14.07
C LEU B 357 11.35 23.51 -14.48
N THR B 358 12.08 23.83 -15.52
CA THR B 358 13.11 22.91 -15.96
C THR B 358 14.42 23.36 -15.31
N SER B 359 14.68 22.73 -14.16
CA SER B 359 15.85 22.97 -13.33
C SER B 359 17.19 23.00 -14.07
N GLN B 360 17.35 22.16 -15.07
CA GLN B 360 18.57 22.13 -15.84
C GLN B 360 18.31 21.42 -17.16
N ASP B 361 19.11 21.72 -18.18
CA ASP B 361 18.92 21.12 -19.50
C ASP B 361 18.39 19.71 -19.33
N CYS B 362 17.19 19.51 -19.86
CA CYS B 362 16.49 18.26 -19.71
C CYS B 362 15.78 17.69 -20.94
N MET B 363 15.63 16.37 -20.95
CA MET B 363 14.91 15.69 -22.01
C MET B 363 14.07 14.69 -21.26
N ALA B 364 12.78 14.67 -21.57
CA ALA B 364 11.88 13.74 -20.90
C ALA B 364 10.94 13.09 -21.89
N PHE B 365 10.15 12.15 -21.40
CA PHE B 365 9.18 11.44 -22.22
C PHE B 365 7.93 11.38 -21.38
N GLY B 366 6.77 11.48 -22.02
CA GLY B 366 5.53 11.43 -21.27
C GLY B 366 4.37 11.12 -22.16
N GLY B 367 3.19 10.93 -21.58
CA GLY B 367 2.02 10.62 -22.37
C GLY B 367 0.77 10.99 -21.62
N ASN B 368 -0.35 11.13 -22.33
CA ASN B 368 -1.63 11.51 -21.72
C ASN B 368 -2.68 10.44 -21.98
N PHE B 369 -3.42 10.07 -20.94
CA PHE B 369 -4.45 9.05 -21.08
C PHE B 369 -5.69 9.34 -20.22
N LEU B 370 -6.86 8.92 -20.71
CA LEU B 370 -8.14 9.08 -20.02
C LEU B 370 -8.52 7.72 -19.45
N HIS B 371 -9.34 7.70 -18.40
CA HIS B 371 -9.74 6.43 -17.80
C HIS B 371 -11.09 6.50 -17.09
N ASN B 372 -11.54 5.36 -16.55
CA ASN B 372 -12.83 5.28 -15.88
C ASN B 372 -12.81 5.62 -14.38
N LEU B 373 -11.63 5.62 -13.77
CA LEU B 373 -11.54 5.90 -12.34
C LEU B 373 -12.05 7.26 -11.91
N ASN B 374 -12.12 8.22 -12.84
CA ASN B 374 -12.59 9.57 -12.51
C ASN B 374 -13.40 10.20 -13.63
N ILE B 375 -14.25 9.43 -14.28
CA ILE B 375 -15.04 9.98 -15.38
C ILE B 375 -15.73 11.27 -14.98
N GLY B 376 -15.91 11.49 -13.68
CA GLY B 376 -16.55 12.71 -13.25
C GLY B 376 -15.66 13.91 -13.49
N MET B 377 -14.54 13.95 -12.78
CA MET B 377 -13.57 15.03 -12.86
C MET B 377 -13.13 15.35 -14.28
N GLN B 378 -13.02 14.33 -15.13
CA GLN B 378 -12.61 14.52 -16.53
C GLN B 378 -13.59 15.44 -17.25
N LEU B 379 -14.88 15.11 -17.16
CA LEU B 379 -15.92 15.91 -17.79
C LEU B 379 -15.90 17.32 -17.18
N ARG B 380 -15.86 17.41 -15.85
CA ARG B 380 -15.81 18.70 -15.17
C ARG B 380 -14.72 19.56 -15.76
N CYS B 381 -13.59 18.92 -16.07
CA CYS B 381 -12.48 19.65 -16.66
C CYS B 381 -12.79 20.02 -18.10
N TYR B 382 -13.43 19.10 -18.81
CA TYR B 382 -13.77 19.36 -20.20
C TYR B 382 -14.73 20.54 -20.27
N GLU B 383 -15.67 20.59 -19.34
CA GLU B 383 -16.61 21.69 -19.32
C GLU B 383 -15.86 23.01 -19.07
N MET B 384 -14.88 22.96 -18.17
CA MET B 384 -14.10 24.16 -17.84
C MET B 384 -13.26 24.68 -18.99
N GLU B 385 -12.65 23.77 -19.74
CA GLU B 385 -11.81 24.13 -20.87
C GLU B 385 -12.57 24.96 -21.88
N LYS B 386 -13.88 24.72 -21.97
CA LYS B 386 -14.72 25.44 -22.90
C LYS B 386 -15.20 26.80 -22.40
N ARG B 387 -15.40 26.94 -21.10
CA ARG B 387 -15.82 28.23 -20.59
C ARG B 387 -14.66 29.23 -20.67
N LEU B 388 -13.45 28.71 -20.79
CA LEU B 388 -12.27 29.54 -20.88
C LEU B 388 -11.96 29.76 -22.35
N LYS B 389 -12.83 29.24 -23.21
CA LYS B 389 -12.68 29.37 -24.65
C LYS B 389 -11.37 28.80 -25.17
N THR B 390 -10.87 27.76 -24.51
CA THR B 390 -9.63 27.14 -24.93
C THR B 390 -9.76 26.66 -26.37
N PRO B 391 -8.84 27.09 -27.25
CA PRO B 391 -8.85 26.71 -28.66
C PRO B 391 -8.47 25.24 -28.93
N ASP B 392 -8.73 24.78 -30.15
CA ASP B 392 -8.40 23.42 -30.56
C ASP B 392 -6.88 23.25 -30.47
N LEU B 393 -6.40 22.06 -30.74
CA LEU B 393 -4.97 21.79 -30.70
C LEU B 393 -4.42 22.15 -29.32
N PHE B 394 -5.27 22.78 -28.50
CA PHE B 394 -4.90 23.15 -27.14
C PHE B 394 -5.71 22.24 -26.22
N LYS B 395 -6.54 21.38 -26.82
CA LYS B 395 -7.32 20.44 -26.06
C LYS B 395 -7.41 19.06 -26.68
N PHE B 396 -7.93 18.11 -25.92
CA PHE B 396 -8.04 16.72 -26.37
C PHE B 396 -8.79 16.56 -27.68
N PRO B 397 -8.11 16.01 -28.71
CA PRO B 397 -8.56 15.73 -30.07
C PRO B 397 -10.06 15.43 -30.29
N PHE B 398 -10.48 14.23 -29.93
CA PHE B 398 -11.89 13.85 -30.09
C PHE B 398 -12.43 13.43 -28.75
N PHE B 399 -12.40 14.36 -27.80
CA PHE B 399 -12.87 14.10 -26.45
C PHE B 399 -14.28 13.54 -26.43
N GLU B 400 -15.17 14.17 -27.18
CA GLU B 400 -16.56 13.73 -27.22
C GLU B 400 -16.71 12.45 -28.01
N ALA B 401 -15.96 12.30 -29.09
CA ALA B 401 -16.05 11.10 -29.90
C ALA B 401 -15.76 9.88 -29.04
N ILE B 402 -14.76 10.00 -28.16
CA ILE B 402 -14.37 8.89 -27.28
C ILE B 402 -15.36 8.71 -26.12
N CYS B 403 -15.87 9.81 -25.56
CA CYS B 403 -16.84 9.74 -24.47
C CYS B 403 -18.02 8.88 -24.89
N TRP B 404 -18.19 8.72 -26.20
CA TRP B 404 -19.26 7.90 -26.75
C TRP B 404 -18.85 6.44 -26.72
N PHE B 405 -17.82 6.08 -27.48
CA PHE B 405 -17.34 4.70 -27.53
C PHE B 405 -17.32 4.10 -26.14
N VAL B 406 -16.92 4.90 -25.16
CA VAL B 406 -16.86 4.45 -23.77
C VAL B 406 -18.25 4.08 -23.26
N ALA B 407 -19.21 4.97 -23.48
CA ALA B 407 -20.58 4.71 -23.05
C ALA B 407 -21.07 3.40 -23.69
N LYS B 408 -20.87 3.29 -25.00
CA LYS B 408 -21.27 2.11 -25.77
C LYS B 408 -20.61 0.84 -25.24
N ASN B 409 -19.39 0.97 -24.71
CA ASN B 409 -18.67 -0.16 -24.16
C ASN B 409 -19.03 -0.40 -22.70
N LEU B 410 -19.21 0.66 -21.94
CA LEU B 410 -19.59 0.50 -20.54
C LEU B 410 -21.03 0.01 -20.46
N LEU B 411 -21.63 -0.21 -21.62
CA LEU B 411 -23.00 -0.71 -21.66
C LEU B 411 -22.87 -2.22 -21.63
N GLU B 412 -22.23 -2.77 -22.67
CA GLU B 412 -22.00 -4.20 -22.75
C GLU B 412 -21.47 -4.69 -21.40
N THR B 413 -20.37 -4.08 -20.94
CA THR B 413 -19.74 -4.45 -19.67
C THR B 413 -20.75 -4.52 -18.52
N LEU B 414 -21.32 -3.38 -18.14
CA LEU B 414 -22.29 -3.37 -17.04
C LEU B 414 -23.35 -4.43 -17.27
N LYS B 415 -23.67 -4.68 -18.55
CA LYS B 415 -24.66 -5.68 -18.94
C LYS B 415 -24.14 -7.08 -18.60
N GLU B 416 -23.02 -7.46 -19.21
CA GLU B 416 -22.39 -8.77 -18.99
C GLU B 416 -22.24 -9.11 -17.51
N LEU B 417 -22.11 -8.09 -16.67
CA LEU B 417 -21.95 -8.30 -15.23
C LEU B 417 -23.30 -8.51 -14.55
N ARG B 418 -24.30 -7.72 -14.91
CA ARG B 418 -25.63 -7.85 -14.33
C ARG B 418 -26.12 -9.28 -14.63
N GLU B 419 -25.70 -9.79 -15.79
CA GLU B 419 -26.05 -11.14 -16.21
C GLU B 419 -25.34 -12.17 -15.31
N ASP B 420 -24.13 -11.87 -14.88
CA ASP B 420 -23.39 -12.78 -14.01
C ASP B 420 -23.52 -12.45 -12.53
N GLY B 421 -24.70 -11.96 -12.14
CA GLY B 421 -24.97 -11.61 -10.75
C GLY B 421 -23.83 -10.91 -10.01
N PHE B 422 -22.91 -10.32 -10.78
CA PHE B 422 -21.75 -9.61 -10.25
C PHE B 422 -22.11 -8.11 -10.22
N GLN B 423 -22.07 -7.52 -9.03
CA GLN B 423 -22.41 -6.10 -8.83
C GLN B 423 -21.24 -5.12 -9.04
N PRO B 424 -21.33 -4.28 -10.11
CA PRO B 424 -20.33 -3.28 -10.49
C PRO B 424 -19.82 -2.41 -9.34
N GLN B 425 -18.54 -2.04 -9.42
CA GLN B 425 -17.92 -1.22 -8.38
C GLN B 425 -18.49 0.19 -8.36
N THR B 426 -18.68 0.70 -7.14
CA THR B 426 -19.22 2.03 -6.93
C THR B 426 -18.71 3.09 -7.90
N TYR B 427 -17.40 3.29 -7.90
CA TYR B 427 -16.80 4.30 -8.77
C TYR B 427 -17.30 4.17 -10.21
N LEU B 428 -17.20 2.97 -10.77
CA LEU B 428 -17.62 2.77 -12.15
C LEU B 428 -19.07 3.15 -12.36
N VAL B 429 -19.91 2.91 -11.35
CA VAL B 429 -21.31 3.26 -11.49
C VAL B 429 -21.44 4.77 -11.47
N GLN B 430 -21.00 5.42 -10.39
CA GLN B 430 -21.12 6.87 -10.35
C GLN B 430 -20.39 7.50 -11.53
N GLY B 431 -19.54 6.71 -12.18
CA GLY B 431 -18.80 7.19 -13.33
C GLY B 431 -19.67 7.13 -14.56
N VAL B 432 -20.24 5.96 -14.83
CA VAL B 432 -21.11 5.76 -15.98
C VAL B 432 -22.30 6.70 -15.84
N LYS B 433 -22.60 7.06 -14.60
CA LYS B 433 -23.71 7.98 -14.33
C LYS B 433 -23.37 9.36 -14.91
N ALA B 434 -22.30 9.97 -14.41
CA ALA B 434 -21.88 11.28 -14.88
C ALA B 434 -21.75 11.33 -16.41
N LEU B 435 -21.15 10.29 -16.98
CA LEU B 435 -20.96 10.19 -18.43
C LEU B 435 -22.32 10.23 -19.12
N HIS B 436 -23.28 9.48 -18.57
CA HIS B 436 -24.64 9.44 -19.11
C HIS B 436 -25.19 10.87 -19.11
N THR B 437 -25.25 11.47 -17.92
CA THR B 437 -25.74 12.84 -17.75
C THR B 437 -25.23 13.79 -18.83
N ALA B 438 -23.97 13.61 -19.23
CA ALA B 438 -23.37 14.48 -20.23
C ALA B 438 -23.97 14.21 -21.60
N LEU B 439 -23.98 12.95 -22.01
CA LEU B 439 -24.53 12.56 -23.31
C LEU B 439 -25.95 13.06 -23.48
N LYS B 440 -26.79 12.92 -22.45
CA LYS B 440 -28.16 13.41 -22.55
C LYS B 440 -28.12 14.93 -22.72
N LEU B 441 -27.14 15.56 -22.07
CA LEU B 441 -26.97 17.00 -22.13
C LEU B 441 -26.57 17.49 -23.53
N TRP B 442 -25.62 16.80 -24.15
CA TRP B 442 -25.16 17.20 -25.49
C TRP B 442 -26.16 16.84 -26.57
N MET B 443 -27.29 16.23 -26.19
CA MET B 443 -28.28 15.86 -27.19
C MET B 443 -29.50 16.75 -27.13
N LYS B 444 -29.57 17.62 -26.13
CA LYS B 444 -30.72 18.52 -25.99
C LYS B 444 -30.99 19.27 -27.30
N LYS B 445 -32.24 19.73 -27.47
CA LYS B 445 -32.62 20.46 -28.68
C LYS B 445 -31.70 21.63 -29.00
N GLU B 446 -31.54 22.56 -28.04
CA GLU B 446 -30.68 23.73 -28.25
C GLU B 446 -29.20 23.41 -28.40
N LEU B 447 -28.64 22.76 -27.38
CA LEU B 447 -27.23 22.39 -27.33
C LEU B 447 -26.69 21.54 -28.49
N VAL B 448 -27.37 20.44 -28.79
CA VAL B 448 -26.93 19.50 -29.83
C VAL B 448 -26.23 20.05 -31.06
N SER B 449 -26.56 21.28 -31.45
CA SER B 449 -25.92 21.87 -32.63
C SER B 449 -24.39 21.86 -32.54
N GLU B 450 -23.86 22.12 -31.35
CA GLU B 450 -22.41 22.15 -31.16
C GLU B 450 -21.74 20.80 -30.87
N HIS B 451 -22.53 19.74 -30.74
CA HIS B 451 -21.99 18.40 -30.44
C HIS B 451 -22.21 17.35 -31.52
N ALA B 452 -23.11 17.64 -32.45
CA ALA B 452 -23.46 16.72 -33.54
C ALA B 452 -22.29 16.18 -34.37
N PHE B 453 -21.43 17.06 -34.86
CA PHE B 453 -20.28 16.65 -35.67
C PHE B 453 -19.45 15.56 -34.98
N GLU B 454 -19.44 15.60 -33.64
CA GLU B 454 -18.68 14.65 -32.83
C GLU B 454 -19.21 13.21 -32.76
N ILE B 455 -20.50 13.04 -32.48
CA ILE B 455 -21.12 11.71 -32.38
C ILE B 455 -20.61 10.72 -33.41
N PRO B 456 -19.92 9.65 -32.96
CA PRO B 456 -19.35 8.64 -33.84
C PRO B 456 -20.33 8.13 -34.88
N ASP B 457 -19.83 8.01 -36.10
CA ASP B 457 -20.59 7.53 -37.23
C ASP B 457 -20.78 6.03 -36.99
N ASN B 458 -20.08 5.54 -35.97
CA ASN B 458 -20.08 4.13 -35.59
C ASN B 458 -21.16 3.78 -34.55
N VAL B 459 -21.71 4.79 -33.87
CA VAL B 459 -22.73 4.58 -32.85
C VAL B 459 -24.13 5.06 -33.24
N ARG B 460 -24.97 5.22 -32.22
CA ARG B 460 -26.35 5.69 -32.38
C ARG B 460 -26.81 6.21 -31.01
N PRO B 461 -26.64 7.51 -30.79
CA PRO B 461 -26.98 8.27 -29.58
C PRO B 461 -28.26 7.89 -28.83
N GLY B 462 -29.41 8.15 -29.44
CA GLY B 462 -30.67 7.84 -28.79
C GLY B 462 -30.78 6.44 -28.23
N HIS B 463 -30.33 5.47 -29.02
CA HIS B 463 -30.36 4.08 -28.62
C HIS B 463 -29.48 3.84 -27.39
N LEU B 464 -28.27 4.36 -27.45
CA LEU B 464 -27.31 4.22 -26.37
C LEU B 464 -27.73 4.92 -25.07
N ILE B 465 -28.37 6.09 -25.17
CA ILE B 465 -28.78 6.81 -23.97
C ILE B 465 -29.98 6.11 -23.33
N LYS B 466 -30.91 5.68 -24.16
CA LYS B 466 -32.13 5.00 -23.68
C LYS B 466 -31.80 3.77 -22.85
N GLU B 467 -31.01 2.86 -23.43
CA GLU B 467 -30.64 1.64 -22.73
C GLU B 467 -29.60 1.88 -21.62
N LEU B 468 -29.03 3.07 -21.60
CA LEU B 468 -28.03 3.42 -20.60
C LEU B 468 -28.74 3.91 -19.35
N SER B 469 -29.87 4.56 -19.54
CA SER B 469 -30.65 5.06 -18.40
C SER B 469 -31.39 3.90 -17.75
N LYS B 470 -31.76 2.90 -18.56
CA LYS B 470 -32.49 1.74 -18.06
C LYS B 470 -31.61 0.82 -17.21
N VAL B 471 -30.33 0.71 -17.55
CA VAL B 471 -29.42 -0.13 -16.79
C VAL B 471 -28.95 0.57 -15.51
N ILE B 472 -28.68 1.87 -15.60
CA ILE B 472 -28.26 2.61 -14.41
C ILE B 472 -29.36 2.44 -13.38
N ARG B 473 -30.60 2.66 -13.85
CA ARG B 473 -31.78 2.57 -13.01
C ARG B 473 -31.82 1.23 -12.26
N ALA B 474 -31.66 0.13 -13.00
CA ALA B 474 -31.66 -1.21 -12.43
C ALA B 474 -30.73 -1.32 -11.21
N ILE B 475 -29.44 -1.09 -11.44
CA ILE B 475 -28.42 -1.14 -10.39
C ILE B 475 -28.76 -0.19 -9.25
N GLU B 476 -29.29 0.99 -9.61
CA GLU B 476 -29.67 2.00 -8.63
C GLU B 476 -30.66 1.46 -7.60
N GLU B 477 -31.53 0.56 -8.03
CA GLU B 477 -32.54 -0.05 -7.16
C GLU B 477 -31.92 -1.08 -6.21
N GLU B 478 -31.26 -2.08 -6.79
CA GLU B 478 -30.61 -3.16 -6.02
C GLU B 478 -29.82 -2.70 -4.79
N ASN B 479 -28.88 -1.78 -4.99
CA ASN B 479 -28.06 -1.27 -3.90
C ASN B 479 -28.84 -0.34 -2.95
ZN ZN C . 11.32 -46.36 49.67
ZN ZN D . 8.73 -34.23 51.26
FE FE2 E . 1.05 -19.36 18.06
O1 OXY F . 3.17 -15.88 22.36
O2 OXY F . 2.30 -16.38 22.31
C1 AKG G . 3.28 -20.10 20.64
O1 AKG G . 3.33 -19.98 21.86
O2 AKG G . 2.15 -19.72 20.00
C2 AKG G . 4.43 -20.67 19.83
O5 AKG G . 4.30 -20.77 18.62
C3 AKG G . 5.71 -21.12 20.54
C4 AKG G . 6.76 -21.83 19.65
C5 AKG G . 8.03 -22.27 20.37
O3 AKG G . 8.26 -22.01 21.52
O4 AKG G . 8.95 -22.98 19.68
ZN ZN H . 17.34 44.39 -48.53
ZN ZN I . 12.56 32.24 -49.76
FE FE2 J . 0.87 19.38 -17.97
O1 OXY K . 2.54 15.64 -21.86
O2 OXY K . 2.04 16.22 -22.51
C1 AKG L . 2.85 18.99 -20.25
O1 AKG L . 3.27 18.41 -21.24
O2 AKG L . 1.54 18.82 -19.94
C2 AKG L . 3.75 19.86 -19.39
O5 AKG L . 3.29 20.45 -18.42
C3 AKG L . 5.23 20.02 -19.75
C4 AKG L . 6.04 21.00 -18.89
C5 AKG L . 7.53 21.08 -19.22
O3 AKG L . 8.05 20.37 -20.05
O4 AKG L . 8.30 21.98 -18.57
#